data_1JKY
#
_entry.id   1JKY
#
_cell.length_a   330.700
_cell.length_b   330.700
_cell.length_c   330.700
_cell.angle_alpha   90.00
_cell.angle_beta   90.00
_cell.angle_gamma   90.00
#
_symmetry.space_group_name_H-M   'I 41 3 2'
#
loop_
_entity.id
_entity.type
_entity.pdbx_description
1 polymer 'Lethal Factor'
2 polymer 'mitogen-activated protein kinase kinase 2'
#
loop_
_entity_poly.entity_id
_entity_poly.type
_entity_poly.pdbx_seq_one_letter_code
_entity_poly.pdbx_strand_id
1 'polypeptide(L)'
;AGGHGDVGMHVKEKEKNKDENKRKDEERNKTQEEHLKEIMKHIVKIEVKGEEAVKKEAAEKLLEKVPSDVLEMYKAIGGK
IYIVDGDITKHISLEALSEDKKKIKDIYGKDALLHEHYVYAKEGYEPVLVIQSSEDYVENTEKALNVYYEIGKILSRDIL
SKINQPYQKFLDVLNTIKNASDSDGQDLLFTNQLKEHPTDFSVEFLEQNSNEVQEVFAKAFAYYIEPQHRDVLQLYAPEA
FNYMDKFNEQEINLSLEELKDQRMLSRYEKWEKIKQHYQHWSDSLSEEGRGLLKKLQIPIEPKKDDIIHSLSQEEKELLK
RIQIDSSDFLSTEEKEFLKKLQIDIRDSLSEEEKELLNRIQVDSSNPLSEKEKEFLKKLKLDIQPYDINQRLQDTGGLID
SPSINLDVRKQYKRDIQNIDALLHQSIGSTLYNKIYLYENMNINNLTATLGADLVDSTDNTKINRGIFNEFKKNFKYSIS
SNYMIVDINERPALDNERLKWRIQLSPDTRAGYLENGKLILQRNIGLEIKDVQIIKQSEKEYIRIDAKVVPKSKIDTKIQ
EAQLNINQEWNKALGLPKYTKLITFNVHNRYASNIVESAYLILNEWKNNIQSDLIKKVTNYLVDGNGRFVFTDITLPNIA
EQYTHQDEIYEQVHSKGLYVPESRSILLHGPSKGVELRNDSEGFIHEFGHAVDDYAGYLLDKNQSDLVTNSKKFIDIFKE
EGSNLTSYGRTNEAEFFAEAFRLMHSTDHAERLKVQKNAPKTFQFINDQIKFIINS
;
A
2 'polypeptide(L)' MLARRKPVLPALTINP B
#
# COMPACT_ATOMS: atom_id res chain seq x y z
N ASN A 29 -23.80 15.62 -15.95
CA ASN A 29 -23.55 14.62 -17.02
C ASN A 29 -24.86 14.39 -17.81
N LYS A 30 -24.90 14.97 -19.00
CA LYS A 30 -26.06 14.90 -19.89
C LYS A 30 -25.75 14.08 -21.15
N THR A 31 -26.54 14.34 -22.19
CA THR A 31 -26.40 13.68 -23.49
C THR A 31 -26.59 12.16 -23.44
N GLN A 32 -25.67 11.43 -24.08
CA GLN A 32 -25.68 9.97 -24.17
C GLN A 32 -26.08 9.25 -22.87
N GLU A 33 -25.97 9.94 -21.74
CA GLU A 33 -26.34 9.37 -20.45
C GLU A 33 -27.83 9.04 -20.41
N GLU A 34 -28.45 8.94 -21.58
CA GLU A 34 -29.87 8.60 -21.73
C GLU A 34 -29.94 7.45 -22.71
N HIS A 35 -29.11 7.53 -23.74
CA HIS A 35 -29.00 6.48 -24.73
C HIS A 35 -28.65 5.28 -23.83
N LEU A 36 -27.55 5.44 -23.09
CA LEU A 36 -27.09 4.43 -22.16
C LEU A 36 -27.57 4.81 -20.76
N LYS A 37 -28.88 4.71 -20.56
CA LYS A 37 -29.50 5.02 -19.27
C LYS A 37 -30.97 4.68 -19.42
N GLU A 38 -31.24 3.89 -20.44
CA GLU A 38 -32.60 3.46 -20.71
C GLU A 38 -32.61 2.39 -21.77
N ILE A 39 -31.82 2.61 -22.83
CA ILE A 39 -31.72 1.65 -23.94
C ILE A 39 -31.65 0.25 -23.38
N MET A 40 -31.12 0.18 -22.15
CA MET A 40 -30.99 -1.06 -21.42
C MET A 40 -32.37 -1.66 -21.32
N LYS A 41 -33.36 -0.92 -21.82
CA LYS A 41 -34.74 -1.35 -21.85
C LYS A 41 -34.77 -2.69 -22.56
N HIS A 42 -33.63 -3.08 -23.10
CA HIS A 42 -33.49 -4.35 -23.81
C HIS A 42 -33.66 -5.47 -22.80
N ILE A 43 -34.48 -5.21 -21.78
CA ILE A 43 -34.79 -6.15 -20.72
C ILE A 43 -36.22 -5.83 -20.31
N VAL A 44 -36.75 -4.77 -20.91
CA VAL A 44 -38.11 -4.31 -20.62
C VAL A 44 -39.13 -5.09 -21.45
N LYS A 45 -39.57 -6.23 -20.90
CA LYS A 45 -40.56 -7.05 -21.57
C LYS A 45 -41.92 -6.47 -21.22
N ILE A 46 -42.57 -5.84 -22.20
CA ILE A 46 -43.87 -5.21 -21.97
C ILE A 46 -45.09 -5.99 -22.48
N GLU A 47 -45.30 -7.20 -21.95
CA GLU A 47 -46.47 -7.99 -22.33
C GLU A 47 -47.67 -7.28 -21.70
N VAL A 48 -47.63 -5.95 -21.82
CA VAL A 48 -48.64 -5.05 -21.29
C VAL A 48 -49.93 -5.10 -22.09
N LYS A 49 -51.03 -4.79 -21.41
CA LYS A 49 -52.34 -4.76 -22.04
C LYS A 49 -52.26 -3.95 -23.33
N GLY A 50 -52.78 -4.51 -24.41
CA GLY A 50 -52.76 -3.84 -25.69
C GLY A 50 -53.02 -2.35 -25.71
N GLU A 51 -53.70 -1.83 -24.70
CA GLU A 51 -54.02 -0.39 -24.63
C GLU A 51 -52.74 0.47 -24.55
N GLU A 52 -52.17 0.65 -25.73
CA GLU A 52 -50.94 1.38 -26.06
C GLU A 52 -50.65 2.79 -25.49
N ALA A 53 -49.36 3.07 -25.32
CA ALA A 53 -48.87 4.38 -24.90
C ALA A 53 -48.95 4.86 -23.46
N VAL A 54 -49.15 3.98 -22.50
CA VAL A 54 -49.18 4.46 -21.12
C VAL A 54 -48.04 3.83 -20.32
N LYS A 55 -48.40 2.75 -19.63
CA LYS A 55 -47.52 1.96 -18.77
C LYS A 55 -46.04 2.34 -18.92
N LYS A 56 -45.47 2.25 -20.12
CA LYS A 56 -44.08 2.64 -20.29
C LYS A 56 -43.84 3.94 -19.54
N GLU A 57 -44.65 4.94 -19.85
CA GLU A 57 -44.57 6.22 -19.18
C GLU A 57 -44.43 5.93 -17.69
N ALA A 58 -45.16 4.92 -17.22
CA ALA A 58 -45.11 4.55 -15.82
C ALA A 58 -43.87 3.69 -15.56
N ALA A 59 -43.70 2.65 -16.36
CA ALA A 59 -42.56 1.76 -16.22
C ALA A 59 -41.25 2.54 -16.29
N GLU A 60 -41.04 3.23 -17.41
CA GLU A 60 -39.82 4.02 -17.60
C GLU A 60 -39.55 4.77 -16.31
N LYS A 61 -40.48 5.64 -15.95
CA LYS A 61 -40.37 6.46 -14.75
C LYS A 61 -40.14 5.61 -13.51
N LEU A 62 -40.96 4.58 -13.33
CA LEU A 62 -40.82 3.71 -12.18
C LEU A 62 -39.35 3.35 -12.03
N LEU A 63 -38.75 2.91 -13.12
CA LEU A 63 -37.34 2.51 -13.12
C LEU A 63 -36.32 3.66 -13.13
N GLU A 64 -36.69 4.79 -13.70
CA GLU A 64 -35.80 5.96 -13.75
C GLU A 64 -34.93 6.06 -12.50
N LYS A 65 -35.59 6.05 -11.35
CA LYS A 65 -34.97 6.18 -10.03
C LYS A 65 -33.75 5.31 -9.76
N VAL A 66 -33.91 4.00 -9.97
CA VAL A 66 -32.85 3.04 -9.75
C VAL A 66 -31.64 3.40 -10.59
N PRO A 67 -30.47 3.46 -9.96
CA PRO A 67 -29.24 3.84 -10.67
C PRO A 67 -29.21 3.22 -12.04
N SER A 68 -28.52 3.88 -12.96
CA SER A 68 -28.40 3.44 -14.34
C SER A 68 -27.62 2.13 -14.47
N ASP A 69 -26.38 2.14 -13.99
CA ASP A 69 -25.53 0.97 -14.05
C ASP A 69 -26.22 -0.24 -13.43
N VAL A 70 -26.57 -0.15 -12.16
CA VAL A 70 -27.23 -1.25 -11.48
C VAL A 70 -28.42 -1.85 -12.24
N LEU A 71 -28.64 -1.37 -13.45
CA LEU A 71 -29.69 -1.95 -14.26
C LEU A 71 -28.92 -2.86 -15.18
N GLU A 72 -28.13 -2.26 -16.07
CA GLU A 72 -27.28 -2.98 -17.00
C GLU A 72 -26.56 -4.12 -16.28
N MET A 73 -25.95 -3.79 -15.13
CA MET A 73 -25.25 -4.78 -14.34
C MET A 73 -26.33 -5.71 -13.83
N TYR A 74 -27.12 -6.24 -14.76
CA TYR A 74 -28.19 -7.16 -14.48
C TYR A 74 -28.40 -7.77 -15.84
N LYS A 75 -28.43 -6.89 -16.84
CA LYS A 75 -28.58 -7.30 -18.23
C LYS A 75 -27.51 -8.34 -18.47
N ALA A 76 -26.27 -7.94 -18.21
CA ALA A 76 -25.13 -8.82 -18.37
C ALA A 76 -25.20 -9.94 -17.34
N ILE A 77 -26.41 -10.46 -17.14
CA ILE A 77 -26.71 -11.53 -16.21
C ILE A 77 -28.07 -12.10 -16.60
N GLY A 78 -28.49 -11.81 -17.83
CA GLY A 78 -29.76 -12.31 -18.32
C GLY A 78 -30.84 -11.24 -18.27
N GLY A 79 -30.57 -10.13 -18.96
CA GLY A 79 -31.48 -9.00 -18.99
C GLY A 79 -32.94 -9.24 -19.36
N LYS A 80 -33.82 -9.07 -18.38
CA LYS A 80 -35.25 -9.24 -18.59
C LYS A 80 -36.08 -8.82 -17.36
N ILE A 81 -36.97 -7.85 -17.61
CA ILE A 81 -37.88 -7.29 -16.62
C ILE A 81 -39.31 -7.39 -17.17
N TYR A 82 -40.06 -8.35 -16.63
CA TYR A 82 -41.42 -8.62 -17.07
C TYR A 82 -42.48 -7.67 -16.55
N ILE A 83 -43.04 -6.87 -17.45
CA ILE A 83 -44.09 -5.92 -17.09
C ILE A 83 -45.40 -6.31 -17.76
N VAL A 84 -46.05 -7.33 -17.22
CA VAL A 84 -47.31 -7.83 -17.75
C VAL A 84 -48.46 -7.44 -16.81
N ASP A 85 -49.70 -7.66 -17.25
CA ASP A 85 -50.87 -7.27 -16.45
C ASP A 85 -51.65 -8.36 -15.71
N GLY A 86 -52.60 -7.91 -14.90
CA GLY A 86 -53.47 -8.76 -14.11
C GLY A 86 -52.84 -10.00 -13.54
N ASP A 87 -53.53 -11.12 -13.70
CA ASP A 87 -53.03 -12.40 -13.23
C ASP A 87 -51.61 -12.51 -13.74
N ILE A 88 -50.65 -12.53 -12.83
CA ILE A 88 -49.26 -12.61 -13.23
C ILE A 88 -48.71 -14.03 -13.14
N THR A 89 -49.18 -14.79 -12.16
CA THR A 89 -48.74 -16.18 -11.98
C THR A 89 -49.19 -17.01 -13.17
N LYS A 90 -49.43 -16.35 -14.30
CA LYS A 90 -49.85 -17.00 -15.53
C LYS A 90 -48.75 -16.90 -16.58
N HIS A 91 -48.19 -15.70 -16.73
CA HIS A 91 -47.12 -15.43 -17.70
C HIS A 91 -46.11 -16.58 -17.84
N ILE A 92 -45.75 -16.91 -19.08
CA ILE A 92 -44.79 -17.99 -19.34
C ILE A 92 -43.66 -17.98 -18.32
N SER A 93 -42.95 -16.85 -18.25
CA SER A 93 -41.82 -16.65 -17.33
C SER A 93 -42.08 -17.23 -15.95
N LEU A 94 -43.33 -17.14 -15.52
CA LEU A 94 -43.73 -17.69 -14.23
C LEU A 94 -44.56 -18.92 -14.53
N GLU A 95 -43.91 -20.08 -14.46
CA GLU A 95 -44.55 -21.36 -14.71
C GLU A 95 -43.92 -22.35 -13.73
N ALA A 96 -42.75 -21.96 -13.21
CA ALA A 96 -42.02 -22.76 -12.24
C ALA A 96 -42.74 -22.62 -10.91
N LEU A 97 -44.02 -22.24 -10.99
CA LEU A 97 -44.85 -22.04 -9.82
C LEU A 97 -44.42 -22.82 -8.60
N SER A 98 -43.52 -22.20 -7.83
CA SER A 98 -43.03 -22.79 -6.61
C SER A 98 -44.10 -22.47 -5.57
N GLU A 99 -45.32 -22.96 -5.82
CA GLU A 99 -46.45 -22.74 -4.93
C GLU A 99 -46.09 -22.60 -3.47
N ASP A 100 -45.02 -23.27 -3.06
CA ASP A 100 -44.56 -23.18 -1.68
C ASP A 100 -43.91 -21.81 -1.48
N LYS A 101 -42.99 -21.47 -2.38
CA LYS A 101 -42.30 -20.18 -2.37
C LYS A 101 -43.29 -19.04 -2.64
N LYS A 102 -44.47 -19.42 -3.17
CA LYS A 102 -45.56 -18.52 -3.51
C LYS A 102 -45.95 -17.62 -2.33
N LYS A 103 -45.68 -18.08 -1.11
CA LYS A 103 -45.97 -17.32 0.10
C LYS A 103 -45.02 -16.13 0.18
N ILE A 104 -45.20 -15.18 -0.75
CA ILE A 104 -44.35 -13.99 -0.86
C ILE A 104 -44.21 -13.12 0.38
N LYS A 105 -43.07 -13.23 1.06
CA LYS A 105 -42.82 -12.40 2.23
C LYS A 105 -42.63 -10.97 1.70
N ASP A 106 -43.44 -10.05 2.19
CA ASP A 106 -43.38 -8.66 1.75
C ASP A 106 -42.30 -7.85 2.48
N ILE A 107 -41.75 -6.85 1.79
CA ILE A 107 -40.71 -6.01 2.36
C ILE A 107 -40.94 -5.63 3.82
N TYR A 108 -42.17 -5.25 4.14
CA TYR A 108 -42.52 -4.90 5.51
C TYR A 108 -42.51 -6.16 6.35
N GLY A 109 -42.99 -7.26 5.76
CA GLY A 109 -43.01 -8.53 6.45
C GLY A 109 -44.36 -9.19 6.57
N LYS A 110 -45.41 -8.55 6.06
CA LYS A 110 -46.74 -9.15 6.15
C LYS A 110 -46.93 -10.21 5.07
N ASP A 111 -47.25 -11.44 5.49
CA ASP A 111 -47.46 -12.55 4.56
C ASP A 111 -48.38 -12.13 3.42
N ALA A 112 -48.25 -12.82 2.29
CA ALA A 112 -49.07 -12.52 1.11
C ALA A 112 -48.68 -13.46 -0.02
N LEU A 113 -49.65 -13.83 -0.86
CA LEU A 113 -49.38 -14.73 -1.96
C LEU A 113 -49.52 -14.10 -3.34
N LEU A 114 -48.76 -14.63 -4.28
CA LEU A 114 -48.74 -14.16 -5.66
C LEU A 114 -49.99 -13.44 -6.14
N HIS A 115 -50.98 -14.18 -6.62
CA HIS A 115 -52.25 -13.62 -7.12
C HIS A 115 -52.41 -12.15 -6.75
N GLU A 116 -52.50 -11.95 -5.44
CA GLU A 116 -52.67 -10.63 -4.81
C GLU A 116 -51.63 -9.61 -5.25
N HIS A 117 -50.39 -9.83 -4.81
CA HIS A 117 -49.28 -8.92 -5.11
C HIS A 117 -49.18 -8.49 -6.58
N TYR A 118 -48.29 -7.55 -6.87
CA TYR A 118 -48.14 -7.03 -8.22
C TYR A 118 -46.71 -6.92 -8.76
N VAL A 119 -45.85 -7.87 -8.41
CA VAL A 119 -44.47 -7.85 -8.90
C VAL A 119 -43.50 -8.75 -8.15
N TYR A 120 -43.29 -9.96 -8.67
CA TYR A 120 -42.38 -10.92 -8.08
C TYR A 120 -41.18 -11.14 -8.99
N ALA A 121 -39.99 -10.97 -8.44
CA ALA A 121 -38.77 -11.18 -9.20
C ALA A 121 -38.36 -12.63 -9.03
N LYS A 122 -38.52 -13.42 -10.08
CA LYS A 122 -38.15 -14.84 -10.07
C LYS A 122 -36.64 -14.99 -10.28
N GLU A 123 -36.02 -15.77 -9.39
CA GLU A 123 -34.57 -16.00 -9.41
C GLU A 123 -34.09 -17.25 -10.15
N GLY A 124 -32.77 -17.37 -10.26
CA GLY A 124 -32.15 -18.51 -10.94
C GLY A 124 -31.50 -18.14 -12.26
N TYR A 125 -31.49 -19.09 -13.20
CA TYR A 125 -30.92 -18.87 -14.53
C TYR A 125 -31.73 -17.77 -15.21
N GLU A 126 -31.02 -16.82 -15.82
CA GLU A 126 -31.68 -15.70 -16.47
C GLU A 126 -32.69 -15.09 -15.50
N PRO A 127 -32.21 -14.63 -14.33
CA PRO A 127 -33.11 -14.04 -13.31
C PRO A 127 -34.04 -13.01 -13.91
N VAL A 128 -35.23 -12.88 -13.32
CA VAL A 128 -36.20 -11.94 -13.85
C VAL A 128 -37.21 -11.48 -12.80
N LEU A 129 -37.83 -10.33 -13.08
CA LEU A 129 -38.86 -9.79 -12.20
C LEU A 129 -40.04 -9.44 -13.07
N VAL A 130 -41.23 -9.61 -12.52
CA VAL A 130 -42.43 -9.30 -13.27
C VAL A 130 -43.15 -8.16 -12.60
N ILE A 131 -42.93 -6.94 -13.07
CA ILE A 131 -43.58 -5.76 -12.52
C ILE A 131 -44.98 -5.66 -13.08
N GLN A 132 -45.99 -5.59 -12.20
CA GLN A 132 -47.39 -5.48 -12.64
C GLN A 132 -47.52 -4.17 -13.44
N SER A 133 -48.65 -3.99 -14.14
CA SER A 133 -48.90 -2.82 -14.95
C SER A 133 -50.04 -1.95 -14.39
N SER A 134 -49.80 -0.63 -14.30
CA SER A 134 -50.80 0.32 -13.78
C SER A 134 -50.25 1.76 -13.77
N GLU A 135 -50.95 2.70 -14.42
CA GLU A 135 -50.50 4.11 -14.42
C GLU A 135 -50.15 4.53 -12.99
N ASP A 136 -50.64 3.75 -12.05
CA ASP A 136 -50.42 3.98 -10.64
C ASP A 136 -49.13 3.35 -10.07
N TYR A 137 -48.00 4.02 -10.30
CA TYR A 137 -46.68 3.63 -9.79
C TYR A 137 -46.03 4.94 -9.39
N VAL A 138 -46.31 5.98 -10.16
CA VAL A 138 -45.80 7.31 -9.87
C VAL A 138 -46.31 7.70 -8.48
N GLU A 139 -47.62 7.62 -8.33
CA GLU A 139 -48.29 7.95 -7.08
C GLU A 139 -48.04 6.97 -5.95
N ASN A 140 -48.69 5.82 -6.00
CA ASN A 140 -48.53 4.81 -4.96
C ASN A 140 -47.05 4.75 -4.61
N THR A 141 -46.73 4.88 -3.33
CA THR A 141 -45.34 4.88 -2.85
C THR A 141 -44.91 3.60 -2.16
N GLU A 142 -45.73 2.56 -2.26
CA GLU A 142 -45.43 1.29 -1.62
C GLU A 142 -45.03 0.24 -2.65
N LYS A 143 -45.95 -0.08 -3.55
CA LYS A 143 -45.67 -1.04 -4.61
C LYS A 143 -44.67 -0.32 -5.49
N ALA A 144 -43.93 0.59 -4.86
CA ALA A 144 -42.91 1.38 -5.51
C ALA A 144 -41.67 1.11 -4.72
N LEU A 145 -41.89 0.73 -3.46
CA LEU A 145 -40.78 0.40 -2.60
C LEU A 145 -40.54 -1.06 -2.87
N ASN A 146 -41.62 -1.83 -2.89
CA ASN A 146 -41.46 -3.24 -3.15
C ASN A 146 -40.74 -3.45 -4.47
N VAL A 147 -41.27 -2.90 -5.56
CA VAL A 147 -40.60 -3.06 -6.85
C VAL A 147 -39.15 -2.66 -6.73
N TYR A 148 -38.80 -1.95 -5.67
CA TYR A 148 -37.42 -1.56 -5.50
C TYR A 148 -36.78 -2.55 -4.56
N TYR A 149 -37.55 -3.00 -3.58
CA TYR A 149 -37.06 -3.98 -2.62
C TYR A 149 -36.53 -5.15 -3.40
N GLU A 150 -37.43 -5.73 -4.17
CA GLU A 150 -37.10 -6.87 -4.98
C GLU A 150 -35.90 -6.52 -5.85
N ILE A 151 -36.09 -5.59 -6.78
CA ILE A 151 -35.00 -5.23 -7.66
C ILE A 151 -33.74 -4.85 -6.90
N GLY A 152 -33.76 -5.08 -5.60
CA GLY A 152 -32.60 -4.81 -4.78
C GLY A 152 -32.07 -6.15 -4.32
N LYS A 153 -32.99 -7.02 -3.94
CA LYS A 153 -32.65 -8.36 -3.51
C LYS A 153 -31.95 -8.94 -4.71
N ILE A 154 -32.58 -8.77 -5.86
CA ILE A 154 -32.06 -9.21 -7.14
C ILE A 154 -30.74 -8.48 -7.41
N LEU A 155 -30.19 -7.87 -6.36
CA LEU A 155 -28.94 -7.13 -6.48
C LEU A 155 -28.00 -7.57 -5.37
N SER A 156 -28.54 -8.11 -4.29
CA SER A 156 -27.72 -8.52 -3.17
C SER A 156 -27.33 -10.00 -3.17
N ARG A 157 -28.22 -10.86 -3.63
CA ARG A 157 -27.95 -12.30 -3.68
C ARG A 157 -27.41 -12.71 -5.04
N ASP A 158 -27.78 -11.94 -6.06
CA ASP A 158 -27.32 -12.22 -7.42
C ASP A 158 -26.18 -11.29 -7.82
N ILE A 159 -26.45 -10.38 -8.74
CA ILE A 159 -25.44 -9.46 -9.22
C ILE A 159 -24.35 -9.24 -8.20
N LEU A 160 -24.61 -8.39 -7.22
CA LEU A 160 -23.63 -8.06 -6.18
C LEU A 160 -23.36 -9.25 -5.28
N SER A 161 -22.96 -10.36 -5.90
CA SER A 161 -22.62 -11.58 -5.20
C SER A 161 -21.59 -12.33 -6.03
N LYS A 162 -21.80 -12.37 -7.34
CA LYS A 162 -20.86 -13.03 -8.23
C LYS A 162 -19.51 -12.34 -8.13
N ILE A 163 -19.43 -11.34 -7.27
CA ILE A 163 -18.17 -10.66 -7.05
C ILE A 163 -17.79 -11.11 -5.66
N ASN A 164 -18.75 -11.04 -4.77
CA ASN A 164 -18.61 -11.49 -3.39
C ASN A 164 -19.50 -10.76 -2.40
N GLN A 165 -20.50 -10.06 -2.94
CA GLN A 165 -21.52 -9.36 -2.16
C GLN A 165 -21.02 -8.36 -1.14
N PRO A 166 -21.80 -8.08 -0.10
CA PRO A 166 -21.36 -7.13 0.91
C PRO A 166 -20.34 -7.84 1.72
N TYR A 167 -19.08 -7.45 1.61
CA TYR A 167 -18.13 -8.18 2.41
C TYR A 167 -17.94 -7.44 3.72
N GLN A 168 -16.73 -6.99 4.02
CA GLN A 168 -16.49 -6.32 5.28
C GLN A 168 -17.22 -5.00 5.40
N LYS A 169 -17.21 -4.24 4.30
CA LYS A 169 -17.88 -2.95 4.29
C LYS A 169 -19.28 -3.01 4.90
N PHE A 170 -20.26 -3.25 4.03
CA PHE A 170 -21.65 -3.31 4.41
C PHE A 170 -21.86 -4.14 5.66
N LEU A 171 -20.79 -4.67 6.23
CA LEU A 171 -20.94 -5.45 7.44
C LEU A 171 -21.01 -4.47 8.57
N ASP A 172 -19.93 -3.70 8.72
CA ASP A 172 -19.88 -2.70 9.77
C ASP A 172 -21.18 -1.91 9.80
N VAL A 173 -21.39 -1.11 8.78
CA VAL A 173 -22.62 -0.35 8.66
C VAL A 173 -23.67 -1.28 9.24
N LEU A 174 -23.81 -2.42 8.58
CA LEU A 174 -24.75 -3.46 8.95
C LEU A 174 -24.68 -3.86 10.41
N ASN A 175 -23.85 -3.18 11.19
CA ASN A 175 -23.75 -3.49 12.60
C ASN A 175 -23.61 -2.25 13.47
N THR A 176 -22.73 -1.35 13.08
CA THR A 176 -22.54 -0.13 13.86
C THR A 176 -23.91 0.43 14.18
N ILE A 177 -24.87 0.15 13.31
CA ILE A 177 -26.24 0.61 13.49
C ILE A 177 -27.05 -0.46 14.19
N LYS A 178 -26.41 -1.59 14.51
CA LYS A 178 -27.07 -2.67 15.23
C LYS A 178 -26.78 -2.41 16.69
N ASN A 179 -25.66 -1.74 16.95
CA ASN A 179 -25.30 -1.40 18.31
C ASN A 179 -24.94 0.07 18.40
N ALA A 180 -25.90 0.91 18.00
CA ALA A 180 -25.76 2.36 18.05
C ALA A 180 -26.54 2.88 19.26
N SER A 181 -26.21 4.10 19.71
CA SER A 181 -26.86 4.71 20.87
C SER A 181 -28.40 4.63 20.83
N ASP A 182 -29.02 5.32 19.88
CA ASP A 182 -30.47 5.32 19.77
C ASP A 182 -31.00 3.98 19.24
N SER A 183 -31.23 3.04 20.15
CA SER A 183 -31.74 1.73 19.78
C SER A 183 -33.01 1.92 18.94
N ASP A 184 -32.82 2.22 17.67
CA ASP A 184 -33.94 2.43 16.77
C ASP A 184 -33.60 1.97 15.35
N GLY A 185 -32.45 2.40 14.84
CA GLY A 185 -32.03 2.02 13.51
C GLY A 185 -32.45 0.59 13.22
N GLN A 186 -31.97 -0.33 14.07
CA GLN A 186 -32.29 -1.75 13.94
C GLN A 186 -33.75 -1.88 13.58
N ASP A 187 -34.57 -1.53 14.56
CA ASP A 187 -36.02 -1.57 14.46
C ASP A 187 -36.51 -1.37 13.04
N LEU A 188 -35.80 -0.55 12.28
CA LEU A 188 -36.20 -0.27 10.92
C LEU A 188 -36.02 -1.45 9.96
N LEU A 189 -34.81 -2.02 9.91
CA LEU A 189 -34.55 -3.14 8.99
C LEU A 189 -33.81 -4.34 9.57
N PHE A 190 -34.50 -5.17 10.35
CA PHE A 190 -33.90 -6.37 10.94
C PHE A 190 -34.87 -7.51 11.21
N THR A 191 -34.61 -8.22 12.32
CA THR A 191 -35.43 -9.35 12.78
C THR A 191 -34.83 -9.93 14.06
N ASN A 192 -35.63 -10.68 14.80
CA ASN A 192 -35.16 -11.31 16.04
C ASN A 192 -33.76 -11.86 15.79
N GLN A 193 -33.60 -12.53 14.66
CA GLN A 193 -32.33 -13.10 14.30
C GLN A 193 -31.25 -12.03 14.44
N LEU A 194 -31.19 -11.13 13.47
CA LEU A 194 -30.18 -10.07 13.44
C LEU A 194 -30.27 -9.05 14.58
N LYS A 195 -31.48 -8.77 15.04
CA LYS A 195 -31.67 -7.80 16.10
C LYS A 195 -31.26 -8.32 17.47
N GLU A 196 -31.74 -9.52 17.80
CA GLU A 196 -31.49 -10.15 19.09
C GLU A 196 -30.07 -10.70 19.25
N HIS A 197 -29.59 -11.38 18.21
CA HIS A 197 -28.26 -11.96 18.23
C HIS A 197 -27.32 -11.18 19.15
N PRO A 198 -26.55 -11.89 19.98
CA PRO A 198 -25.60 -11.37 20.96
C PRO A 198 -24.81 -10.12 20.57
N THR A 199 -23.50 -10.31 20.41
CA THR A 199 -22.60 -9.22 20.05
C THR A 199 -22.98 -8.61 18.71
N ASP A 200 -21.98 -8.54 17.82
CA ASP A 200 -22.18 -7.98 16.50
C ASP A 200 -21.82 -8.95 15.39
N PHE A 201 -22.16 -8.56 14.17
CA PHE A 201 -21.92 -9.37 12.99
C PHE A 201 -20.45 -9.45 12.66
N SER A 202 -19.97 -10.69 12.51
CA SER A 202 -18.57 -10.96 12.20
C SER A 202 -18.44 -11.79 10.94
N VAL A 203 -17.72 -11.24 9.96
CA VAL A 203 -17.47 -11.89 8.68
C VAL A 203 -18.16 -13.23 8.55
N GLU A 204 -17.57 -14.22 9.19
CA GLU A 204 -18.07 -15.60 9.20
C GLU A 204 -19.59 -15.62 9.09
N PHE A 205 -20.22 -14.66 9.78
CA PHE A 205 -21.66 -14.51 9.80
C PHE A 205 -22.25 -14.56 8.39
N LEU A 206 -21.44 -14.20 7.41
CA LEU A 206 -21.88 -14.26 6.03
C LEU A 206 -22.03 -15.71 5.60
N GLU A 207 -22.07 -16.62 6.57
CA GLU A 207 -22.21 -18.05 6.31
C GLU A 207 -23.65 -18.28 5.87
N GLN A 208 -24.28 -19.33 6.40
CA GLN A 208 -25.67 -19.62 6.03
C GLN A 208 -26.62 -18.54 6.59
N ASN A 209 -26.31 -17.29 6.26
CA ASN A 209 -27.09 -16.13 6.67
C ASN A 209 -27.13 -15.15 5.51
N SER A 210 -26.30 -15.41 4.50
CA SER A 210 -26.24 -14.58 3.32
C SER A 210 -27.65 -14.36 2.79
N ASN A 211 -28.55 -15.24 3.21
CA ASN A 211 -29.95 -15.19 2.81
C ASN A 211 -30.75 -14.26 3.71
N GLU A 212 -30.05 -13.60 4.63
CA GLU A 212 -30.68 -12.65 5.55
C GLU A 212 -30.04 -11.28 5.30
N VAL A 213 -28.72 -11.22 5.38
CA VAL A 213 -28.01 -9.98 5.13
C VAL A 213 -28.52 -9.45 3.80
N GLN A 214 -28.37 -10.28 2.76
CA GLN A 214 -28.82 -9.91 1.43
C GLN A 214 -30.09 -9.10 1.51
N GLU A 215 -31.02 -9.54 2.34
CA GLU A 215 -32.27 -8.82 2.50
C GLU A 215 -32.00 -7.45 3.17
N VAL A 216 -31.48 -7.47 4.40
CA VAL A 216 -31.17 -6.23 5.07
C VAL A 216 -30.49 -5.30 4.09
N PHE A 217 -29.61 -5.85 3.24
CA PHE A 217 -28.95 -5.03 2.27
C PHE A 217 -29.99 -4.45 1.33
N ALA A 218 -30.92 -5.29 0.90
CA ALA A 218 -31.97 -4.86 -0.01
C ALA A 218 -32.73 -3.71 0.65
N LYS A 219 -33.46 -4.02 1.71
CA LYS A 219 -34.22 -3.02 2.42
C LYS A 219 -33.43 -1.72 2.39
N ALA A 220 -32.19 -1.78 2.84
CA ALA A 220 -31.38 -0.58 2.82
C ALA A 220 -31.52 0.02 1.44
N PHE A 221 -31.06 -0.71 0.45
CA PHE A 221 -31.15 -0.23 -0.92
C PHE A 221 -32.59 0.20 -1.16
N ALA A 222 -33.48 -0.80 -1.14
CA ALA A 222 -34.92 -0.59 -1.33
C ALA A 222 -35.37 0.79 -0.87
N TYR A 223 -34.81 1.26 0.23
CA TYR A 223 -35.18 2.56 0.72
C TYR A 223 -34.44 3.62 -0.06
N TYR A 224 -33.18 3.88 0.30
CA TYR A 224 -32.42 4.92 -0.37
C TYR A 224 -32.89 5.25 -1.77
N ILE A 225 -33.27 4.25 -2.55
CA ILE A 225 -33.72 4.50 -3.90
C ILE A 225 -35.03 5.28 -3.95
N GLU A 226 -36.03 4.84 -3.21
CA GLU A 226 -37.33 5.50 -3.21
C GLU A 226 -37.19 6.95 -2.74
N PRO A 227 -37.66 7.89 -3.57
CA PRO A 227 -37.59 9.34 -3.32
C PRO A 227 -37.87 9.79 -1.89
N GLN A 228 -39.04 9.41 -1.37
CA GLN A 228 -39.44 9.81 -0.03
C GLN A 228 -38.61 9.17 1.06
N HIS A 229 -38.32 7.88 0.92
CA HIS A 229 -37.57 7.21 1.96
C HIS A 229 -36.10 7.54 2.11
N ARG A 230 -35.48 8.11 1.08
CA ARG A 230 -34.09 8.51 1.22
C ARG A 230 -34.11 9.40 2.46
N ASP A 231 -35.11 10.28 2.50
CA ASP A 231 -35.30 11.21 3.61
C ASP A 231 -35.54 10.45 4.92
N VAL A 232 -36.55 9.60 4.96
CA VAL A 232 -36.84 8.87 6.16
C VAL A 232 -35.66 8.02 6.58
N LEU A 233 -34.92 7.52 5.61
CA LEU A 233 -33.75 6.71 5.92
C LEU A 233 -32.82 7.68 6.59
N GLN A 234 -32.06 8.40 5.76
CA GLN A 234 -31.13 9.44 6.20
C GLN A 234 -31.15 9.67 7.70
N LEU A 235 -32.32 9.99 8.24
CA LEU A 235 -32.47 10.26 9.66
C LEU A 235 -32.53 9.01 10.53
N TYR A 236 -33.53 8.16 10.30
CA TYR A 236 -33.69 6.93 11.07
C TYR A 236 -32.45 6.03 11.04
N ALA A 237 -31.76 6.01 9.89
CA ALA A 237 -30.59 5.18 9.71
C ALA A 237 -29.32 6.00 9.50
N PRO A 238 -28.39 5.90 10.43
CA PRO A 238 -27.15 6.66 10.32
C PRO A 238 -26.34 6.22 9.09
N GLU A 239 -25.47 5.26 9.34
CA GLU A 239 -24.55 4.71 8.34
C GLU A 239 -25.21 4.00 7.17
N ALA A 240 -26.34 3.32 7.43
CA ALA A 240 -27.04 2.63 6.36
C ALA A 240 -27.06 3.57 5.17
N PHE A 241 -27.52 4.80 5.39
CA PHE A 241 -27.59 5.82 4.35
C PHE A 241 -26.30 5.89 3.56
N ASN A 242 -25.33 6.61 4.09
CA ASN A 242 -24.05 6.76 3.42
C ASN A 242 -23.58 5.54 2.62
N TYR A 243 -23.42 4.40 3.28
CA TYR A 243 -22.97 3.23 2.54
C TYR A 243 -23.89 3.06 1.34
N MET A 244 -25.13 2.70 1.65
CA MET A 244 -26.15 2.50 0.64
C MET A 244 -26.12 3.62 -0.38
N ASP A 245 -25.68 4.79 0.05
CA ASP A 245 -25.57 5.94 -0.84
C ASP A 245 -24.35 5.71 -1.69
N LYS A 246 -23.23 6.27 -1.23
CA LYS A 246 -21.94 6.15 -1.89
C LYS A 246 -22.06 5.11 -2.98
N PHE A 247 -22.28 3.88 -2.53
CA PHE A 247 -22.42 2.71 -3.39
C PHE A 247 -23.42 2.80 -4.55
N ASN A 248 -24.14 3.90 -4.69
CA ASN A 248 -25.11 3.99 -5.77
C ASN A 248 -24.83 5.05 -6.81
N GLU A 249 -23.90 5.95 -6.49
CA GLU A 249 -23.56 7.02 -7.41
C GLU A 249 -22.14 7.46 -7.11
N GLN A 250 -21.17 6.61 -7.45
CA GLN A 250 -19.75 6.88 -7.20
C GLN A 250 -18.99 5.58 -6.96
N GLU A 251 -19.70 4.59 -6.41
CA GLU A 251 -19.13 3.29 -6.11
C GLU A 251 -19.69 2.22 -7.06
N ILE A 252 -20.93 2.39 -7.51
CA ILE A 252 -21.51 1.42 -8.40
C ILE A 252 -20.59 1.22 -9.57
N ASN A 253 -20.32 2.31 -10.30
CA ASN A 253 -19.44 2.28 -11.47
C ASN A 253 -18.47 1.10 -11.40
N LEU A 254 -17.95 0.82 -10.21
CA LEU A 254 -17.04 -0.30 -9.99
C LEU A 254 -17.79 -1.60 -10.10
N SER A 255 -18.48 -1.98 -9.04
CA SER A 255 -19.22 -3.23 -9.04
C SER A 255 -19.62 -3.66 -10.43
N LEU A 256 -20.05 -2.72 -11.25
CA LEU A 256 -20.42 -3.11 -12.60
C LEU A 256 -19.20 -3.68 -13.26
N GLU A 257 -18.08 -2.97 -13.13
CA GLU A 257 -16.85 -3.42 -13.76
C GLU A 257 -16.18 -4.62 -13.07
N GLU A 258 -15.96 -4.57 -11.76
CA GLU A 258 -15.36 -5.72 -11.11
C GLU A 258 -16.35 -6.87 -11.24
N LEU A 259 -17.27 -6.77 -12.20
CA LEU A 259 -18.26 -7.80 -12.47
C LEU A 259 -18.20 -8.09 -13.95
N LYS A 260 -17.53 -7.21 -14.68
CA LYS A 260 -17.35 -7.41 -16.09
C LYS A 260 -16.10 -8.26 -16.13
N ASP A 261 -15.20 -8.00 -15.18
CA ASP A 261 -13.98 -8.78 -15.10
C ASP A 261 -14.34 -10.22 -14.77
N GLN A 262 -15.49 -10.41 -14.12
CA GLN A 262 -15.91 -11.74 -13.80
C GLN A 262 -16.19 -12.46 -15.11
N ARG A 263 -17.28 -12.08 -15.78
CA ARG A 263 -17.59 -12.67 -17.07
C ARG A 263 -16.30 -12.46 -17.86
N MET A 264 -16.13 -13.16 -18.97
CA MET A 264 -14.90 -13.04 -19.71
C MET A 264 -15.10 -12.89 -21.21
N LEU A 265 -16.28 -13.25 -21.70
CA LEU A 265 -16.55 -13.13 -23.13
C LEU A 265 -16.38 -11.68 -23.55
N SER A 266 -15.80 -10.90 -22.64
CA SER A 266 -15.53 -9.49 -22.83
C SER A 266 -14.13 -9.30 -22.30
N ARG A 267 -13.85 -9.97 -21.19
CA ARG A 267 -12.55 -9.89 -20.55
C ARG A 267 -11.49 -9.84 -21.61
N TYR A 268 -11.86 -10.30 -22.80
CA TYR A 268 -10.96 -10.28 -23.94
C TYR A 268 -11.33 -9.04 -24.72
N GLU A 269 -12.61 -8.93 -25.09
CA GLU A 269 -13.06 -7.76 -25.85
C GLU A 269 -12.18 -6.60 -25.44
N LYS A 270 -12.19 -6.28 -24.15
CA LYS A 270 -11.38 -5.20 -23.63
C LYS A 270 -10.00 -5.44 -24.20
N TRP A 271 -9.29 -6.37 -23.59
CA TRP A 271 -7.96 -6.71 -24.05
C TRP A 271 -7.81 -6.36 -25.51
N GLU A 272 -8.73 -6.84 -26.34
CA GLU A 272 -8.63 -6.58 -27.76
C GLU A 272 -8.61 -5.08 -28.05
N LYS A 273 -9.71 -4.42 -27.70
CA LYS A 273 -9.88 -2.98 -27.94
C LYS A 273 -8.67 -2.18 -27.47
N ILE A 274 -8.30 -2.34 -26.20
CA ILE A 274 -7.18 -1.62 -25.65
C ILE A 274 -5.91 -1.85 -26.46
N LYS A 275 -5.83 -2.98 -27.16
CA LYS A 275 -4.66 -3.25 -28.00
C LYS A 275 -4.87 -2.39 -29.22
N GLN A 276 -5.82 -2.81 -30.06
CA GLN A 276 -6.17 -2.09 -31.28
C GLN A 276 -5.49 -0.74 -31.26
N HIS A 277 -5.98 0.11 -30.38
CA HIS A 277 -5.44 1.42 -30.24
C HIS A 277 -3.93 1.28 -30.16
N TYR A 278 -3.47 0.93 -28.97
CA TYR A 278 -2.05 0.76 -28.75
C TYR A 278 -1.37 -0.09 -29.79
N GLN A 279 -2.14 -0.78 -30.61
CA GLN A 279 -1.50 -1.68 -31.57
C GLN A 279 -0.52 -1.00 -32.50
N HIS A 280 -1.03 -0.15 -33.40
CA HIS A 280 -0.12 0.51 -34.33
C HIS A 280 1.16 0.91 -33.64
N TRP A 281 1.06 1.29 -32.37
CA TRP A 281 2.26 1.67 -31.66
C TRP A 281 3.19 0.47 -31.59
N SER A 282 2.64 -0.67 -31.19
CA SER A 282 3.44 -1.87 -31.06
C SER A 282 4.04 -2.33 -32.37
N ASP A 283 3.36 -2.09 -33.49
CA ASP A 283 3.87 -2.50 -34.81
C ASP A 283 5.26 -1.94 -35.08
N SER A 284 5.32 -0.66 -35.44
CA SER A 284 6.60 -0.03 -35.72
C SER A 284 7.33 0.24 -34.42
N LEU A 285 8.50 -0.36 -34.27
CA LEU A 285 9.28 -0.15 -33.06
C LEU A 285 10.74 -0.41 -33.37
N SER A 286 11.20 -1.61 -33.02
CA SER A 286 12.59 -2.02 -33.23
C SER A 286 12.99 -3.08 -32.23
N GLU A 287 14.03 -3.83 -32.57
CA GLU A 287 14.54 -4.86 -31.68
C GLU A 287 15.18 -4.12 -30.52
N GLU A 288 16.01 -3.13 -30.85
CA GLU A 288 16.67 -2.34 -29.81
C GLU A 288 15.54 -1.93 -28.87
N GLY A 289 14.53 -1.29 -29.45
CA GLY A 289 13.38 -0.82 -28.69
C GLY A 289 12.74 -1.96 -27.94
N ARG A 290 12.01 -2.81 -28.64
CA ARG A 290 11.35 -3.93 -27.99
C ARG A 290 12.37 -4.65 -27.11
N GLY A 291 13.64 -4.30 -27.30
CA GLY A 291 14.72 -4.93 -26.55
C GLY A 291 14.76 -4.56 -25.08
N LEU A 292 15.14 -3.32 -24.79
CA LEU A 292 15.22 -2.86 -23.40
C LEU A 292 13.83 -2.87 -22.79
N LEU A 293 12.82 -2.74 -23.63
CA LEU A 293 11.45 -2.79 -23.19
C LEU A 293 11.35 -4.11 -22.44
N LYS A 294 12.38 -4.93 -22.65
CA LYS A 294 12.49 -6.22 -22.00
C LYS A 294 13.54 -6.07 -20.90
N LYS A 295 14.69 -5.52 -21.27
CA LYS A 295 15.77 -5.31 -20.31
C LYS A 295 15.13 -4.81 -19.03
N LEU A 296 14.04 -4.07 -19.20
CA LEU A 296 13.28 -3.49 -18.10
C LEU A 296 12.42 -4.55 -17.47
N GLN A 297 11.64 -5.20 -18.32
CA GLN A 297 10.73 -6.26 -17.92
C GLN A 297 11.44 -7.23 -16.98
N ILE A 298 12.71 -7.49 -17.27
CA ILE A 298 13.53 -8.40 -16.47
C ILE A 298 14.93 -7.85 -16.25
N PRO A 299 15.47 -8.03 -15.04
CA PRO A 299 16.81 -7.53 -14.76
C PRO A 299 17.80 -8.31 -15.60
N ILE A 300 19.09 -8.20 -15.28
CA ILE A 300 20.13 -8.94 -15.98
C ILE A 300 21.23 -9.13 -14.94
N GLU A 301 21.07 -10.13 -14.08
CA GLU A 301 22.04 -10.40 -13.02
C GLU A 301 23.48 -10.06 -13.40
N PRO A 302 24.41 -10.09 -12.44
CA PRO A 302 25.79 -9.77 -12.80
C PRO A 302 26.34 -10.81 -13.75
N LYS A 303 27.66 -10.88 -13.83
CA LYS A 303 28.31 -11.87 -14.68
C LYS A 303 29.09 -12.80 -13.76
N LYS A 304 29.62 -13.91 -14.30
CA LYS A 304 30.37 -14.85 -13.49
C LYS A 304 31.85 -14.47 -13.40
N ASP A 305 32.55 -14.59 -14.52
CA ASP A 305 33.97 -14.26 -14.59
C ASP A 305 34.15 -12.76 -14.77
N ASP A 306 33.61 -12.23 -15.86
CA ASP A 306 33.70 -10.80 -16.19
C ASP A 306 33.85 -9.91 -14.96
N ILE A 307 33.04 -10.18 -13.94
CA ILE A 307 33.09 -9.43 -12.69
C ILE A 307 34.39 -9.78 -11.98
N ILE A 308 34.51 -11.06 -11.65
CA ILE A 308 35.68 -11.58 -10.96
C ILE A 308 36.96 -11.28 -11.75
N HIS A 309 36.92 -11.55 -13.05
CA HIS A 309 38.06 -11.32 -13.94
C HIS A 309 38.34 -9.83 -14.12
N SER A 310 37.69 -9.01 -13.29
CA SER A 310 37.89 -7.57 -13.35
C SER A 310 38.57 -7.05 -12.09
N LEU A 311 38.83 -7.94 -11.14
CA LEU A 311 39.51 -7.55 -9.91
C LEU A 311 41.00 -7.36 -10.13
N SER A 312 41.73 -7.21 -9.03
CA SER A 312 43.17 -7.03 -9.06
C SER A 312 43.92 -8.34 -8.78
N GLN A 313 45.23 -8.31 -8.92
CA GLN A 313 46.04 -9.48 -8.61
C GLN A 313 45.88 -9.65 -7.11
N GLU A 314 46.24 -8.61 -6.37
CA GLU A 314 46.15 -8.60 -4.92
C GLU A 314 44.72 -8.85 -4.48
N GLU A 315 43.77 -8.23 -5.18
CA GLU A 315 42.35 -8.37 -4.88
C GLU A 315 41.90 -9.82 -5.05
N LYS A 316 42.35 -10.44 -6.13
CA LYS A 316 42.01 -11.82 -6.43
C LYS A 316 42.33 -12.74 -5.26
N GLU A 317 43.62 -12.82 -4.91
CA GLU A 317 44.07 -13.69 -3.82
C GLU A 317 43.42 -13.34 -2.47
N LEU A 318 43.11 -12.07 -2.26
CA LEU A 318 42.46 -11.64 -1.01
C LEU A 318 41.10 -12.30 -0.93
N LEU A 319 40.41 -12.31 -2.07
CA LEU A 319 39.08 -12.89 -2.20
C LEU A 319 39.02 -14.34 -1.73
N LYS A 320 40.16 -15.02 -1.73
CA LYS A 320 40.21 -16.42 -1.33
C LYS A 320 39.89 -16.68 0.16
N ARG A 321 40.84 -16.36 1.03
CA ARG A 321 40.71 -16.61 2.46
C ARG A 321 39.57 -15.94 3.22
N ILE A 322 38.93 -14.94 2.62
CA ILE A 322 37.83 -14.22 3.28
C ILE A 322 36.94 -15.15 4.11
N GLN A 323 36.71 -14.76 5.37
CA GLN A 323 35.85 -15.53 6.26
C GLN A 323 34.40 -15.37 5.83
N ILE A 324 34.23 -14.75 4.66
CA ILE A 324 32.93 -14.46 4.02
C ILE A 324 31.71 -14.29 4.93
N ASP A 325 30.95 -15.35 5.19
CA ASP A 325 29.77 -15.22 6.06
C ASP A 325 30.17 -14.76 7.47
N SER A 326 29.91 -13.49 7.75
CA SER A 326 30.22 -12.89 9.05
C SER A 326 29.67 -11.48 9.06
N SER A 327 29.72 -10.84 7.90
CA SER A 327 29.25 -9.48 7.73
C SER A 327 27.76 -9.40 7.40
N ASP A 328 27.02 -8.65 8.22
CA ASP A 328 25.59 -8.46 8.04
C ASP A 328 25.36 -7.47 6.89
N PHE A 329 26.37 -7.32 6.04
CA PHE A 329 26.32 -6.39 4.90
C PHE A 329 25.72 -7.06 3.67
N LEU A 330 26.21 -8.26 3.40
CA LEU A 330 25.79 -9.02 2.25
C LEU A 330 24.66 -9.97 2.64
N SER A 331 23.46 -9.68 2.14
CA SER A 331 22.30 -10.49 2.41
C SER A 331 22.44 -11.83 1.69
N THR A 332 21.82 -12.86 2.26
CA THR A 332 21.86 -14.20 1.71
C THR A 332 21.92 -14.16 0.19
N GLU A 333 20.81 -13.81 -0.45
CA GLU A 333 20.71 -13.73 -1.91
C GLU A 333 22.04 -13.46 -2.60
N GLU A 334 22.74 -12.42 -2.14
CA GLU A 334 24.02 -12.08 -2.75
C GLU A 334 25.23 -12.65 -1.97
N LYS A 335 25.05 -12.94 -0.68
CA LYS A 335 26.12 -13.52 0.11
C LYS A 335 26.61 -14.76 -0.65
N GLU A 336 25.66 -15.58 -1.08
CA GLU A 336 25.95 -16.81 -1.83
C GLU A 336 26.66 -16.48 -3.12
N PHE A 337 26.12 -15.54 -3.88
CA PHE A 337 26.75 -15.18 -5.14
C PHE A 337 28.16 -14.71 -4.92
N LEU A 338 28.60 -14.69 -3.66
CA LEU A 338 29.96 -14.27 -3.41
C LEU A 338 30.81 -15.50 -3.11
N LYS A 339 30.26 -16.43 -2.33
CA LYS A 339 30.96 -17.67 -2.02
C LYS A 339 31.20 -18.34 -3.37
N LYS A 340 30.27 -18.10 -4.29
CA LYS A 340 30.33 -18.66 -5.64
C LYS A 340 31.35 -17.90 -6.50
N LEU A 341 31.31 -16.57 -6.42
CA LEU A 341 32.26 -15.76 -7.20
C LEU A 341 33.64 -16.05 -6.67
N GLN A 342 33.71 -16.99 -5.74
CA GLN A 342 34.96 -17.40 -5.12
C GLN A 342 35.45 -18.71 -5.70
N ILE A 343 34.53 -19.65 -5.88
CA ILE A 343 34.84 -20.95 -6.43
C ILE A 343 35.33 -20.89 -7.87
N ASP A 344 34.88 -19.89 -8.62
CA ASP A 344 35.31 -19.75 -10.01
C ASP A 344 36.79 -19.35 -10.06
N ILE A 345 37.36 -19.01 -8.91
CA ILE A 345 38.76 -18.65 -8.82
C ILE A 345 39.54 -19.83 -8.25
N ARG A 346 39.06 -20.34 -7.13
CA ARG A 346 39.69 -21.49 -6.46
C ARG A 346 39.78 -22.69 -7.41
N ASP A 347 38.85 -22.74 -8.36
CA ASP A 347 38.81 -23.82 -9.36
C ASP A 347 39.96 -23.67 -10.34
N SER A 348 41.18 -23.44 -9.84
CA SER A 348 42.33 -23.25 -10.74
C SER A 348 43.73 -23.68 -10.23
N LEU A 349 44.40 -24.48 -11.07
CA LEU A 349 45.76 -25.02 -10.90
C LEU A 349 46.18 -25.77 -9.61
N SER A 350 47.42 -25.50 -9.20
CA SER A 350 48.10 -26.12 -8.05
C SER A 350 47.34 -26.60 -6.80
N GLU A 351 48.10 -27.26 -5.93
CA GLU A 351 47.61 -27.87 -4.69
C GLU A 351 47.09 -26.94 -3.60
N GLU A 352 47.62 -25.72 -3.52
CA GLU A 352 47.16 -24.78 -2.49
C GLU A 352 45.66 -24.55 -2.67
N GLU A 353 45.15 -25.05 -3.80
CA GLU A 353 43.74 -24.95 -4.15
C GLU A 353 42.98 -25.98 -3.29
N LYS A 354 43.76 -26.84 -2.65
CA LYS A 354 43.27 -27.89 -1.78
C LYS A 354 43.68 -27.53 -0.34
N GLU A 355 44.93 -27.08 -0.21
CA GLU A 355 45.51 -26.73 1.08
C GLU A 355 45.14 -25.36 1.64
N LEU A 356 45.26 -24.30 0.84
CA LEU A 356 44.89 -22.97 1.34
C LEU A 356 43.43 -23.05 1.79
N LEU A 357 42.63 -23.80 1.05
CA LEU A 357 41.22 -24.00 1.37
C LEU A 357 41.09 -24.58 2.79
N ASN A 358 42.15 -25.24 3.24
CA ASN A 358 42.22 -25.84 4.57
C ASN A 358 42.94 -24.92 5.55
N ARG A 359 44.14 -24.48 5.18
CA ARG A 359 44.93 -23.59 6.02
C ARG A 359 44.22 -22.26 6.25
N ILE A 360 43.24 -21.97 5.40
CA ILE A 360 42.45 -20.74 5.52
C ILE A 360 41.38 -20.88 6.59
N GLN A 361 40.77 -22.06 6.68
CA GLN A 361 39.73 -22.31 7.68
C GLN A 361 40.34 -22.64 9.04
N VAL A 362 41.66 -22.43 9.17
CA VAL A 362 42.37 -22.70 10.42
C VAL A 362 42.06 -21.64 11.47
N ASP A 363 42.51 -20.41 11.19
CA ASP A 363 42.27 -19.30 12.10
C ASP A 363 40.95 -18.66 11.68
N SER A 364 39.95 -19.51 11.49
CA SER A 364 38.60 -19.09 11.14
C SER A 364 37.83 -18.96 12.45
N SER A 365 38.39 -18.15 13.36
CA SER A 365 37.81 -17.89 14.68
C SER A 365 37.70 -16.38 14.91
N ASN A 366 38.40 -15.61 14.07
CA ASN A 366 38.39 -14.15 14.14
C ASN A 366 37.40 -13.61 13.10
N PRO A 367 36.35 -12.91 13.56
CA PRO A 367 35.29 -12.33 12.72
C PRO A 367 35.69 -11.90 11.31
N LEU A 368 36.20 -10.68 11.15
CA LEU A 368 36.59 -10.19 9.83
C LEU A 368 37.77 -9.22 9.85
N SER A 369 38.05 -8.65 8.68
CA SER A 369 39.15 -7.69 8.50
C SER A 369 38.63 -6.27 8.27
N GLU A 370 39.54 -5.31 8.37
CA GLU A 370 39.20 -3.90 8.16
C GLU A 370 39.67 -3.44 6.79
N LYS A 371 40.61 -4.20 6.22
CA LYS A 371 41.14 -3.88 4.90
C LYS A 371 40.39 -4.73 3.89
N GLU A 372 39.61 -5.67 4.41
CA GLU A 372 38.81 -6.58 3.60
C GLU A 372 37.35 -6.16 3.54
N LYS A 373 36.83 -5.58 4.62
CA LYS A 373 35.46 -5.12 4.62
C LYS A 373 35.30 -4.43 3.28
N GLU A 374 36.12 -3.42 3.05
CA GLU A 374 36.12 -2.69 1.80
C GLU A 374 36.22 -3.68 0.62
N PHE A 375 37.18 -4.59 0.72
CA PHE A 375 37.42 -5.60 -0.31
C PHE A 375 36.14 -6.27 -0.74
N LEU A 376 35.17 -6.29 0.17
CA LEU A 376 33.85 -6.88 -0.09
C LEU A 376 32.86 -5.75 -0.37
N LYS A 377 32.89 -4.71 0.46
CA LYS A 377 32.01 -3.57 0.32
C LYS A 377 32.01 -3.11 -1.14
N LYS A 378 33.19 -2.76 -1.64
CA LYS A 378 33.35 -2.30 -3.01
C LYS A 378 32.74 -3.28 -4.01
N LEU A 379 32.46 -4.48 -3.52
CA LEU A 379 31.85 -5.53 -4.34
C LEU A 379 30.35 -5.48 -4.11
N LYS A 380 29.95 -5.39 -2.84
CA LYS A 380 28.56 -5.32 -2.45
C LYS A 380 27.85 -4.44 -3.45
N LEU A 381 28.65 -3.61 -4.12
CA LEU A 381 28.18 -2.73 -5.15
C LEU A 381 28.13 -3.57 -6.42
N ASP A 382 29.15 -3.39 -7.28
CA ASP A 382 29.27 -4.05 -8.58
C ASP A 382 28.51 -5.37 -8.89
N ILE A 383 28.18 -6.15 -7.85
CA ILE A 383 27.46 -7.40 -8.03
C ILE A 383 25.96 -7.14 -8.10
N GLN A 384 25.59 -5.92 -8.47
CA GLN A 384 24.18 -5.57 -8.52
C GLN A 384 23.42 -5.75 -9.83
N PRO A 385 22.23 -6.32 -9.70
CA PRO A 385 21.21 -6.69 -10.70
C PRO A 385 20.95 -5.78 -11.86
N TYR A 386 21.21 -4.49 -11.71
CA TYR A 386 20.93 -3.57 -12.81
C TYR A 386 19.50 -3.63 -13.36
N ASP A 387 18.52 -3.28 -12.53
CA ASP A 387 17.15 -3.23 -13.00
C ASP A 387 16.76 -1.78 -13.05
N ILE A 388 16.72 -1.24 -14.26
CA ILE A 388 16.36 0.14 -14.50
C ILE A 388 14.98 0.38 -13.92
N ASN A 389 14.74 -0.07 -12.69
CA ASN A 389 13.42 0.09 -12.10
C ASN A 389 13.46 -0.31 -10.64
N GLN A 390 14.59 -0.83 -10.19
CA GLN A 390 14.79 -1.20 -8.78
C GLN A 390 15.85 -0.22 -8.29
N ARG A 391 16.17 0.70 -9.20
CA ARG A 391 17.10 1.77 -8.96
C ARG A 391 16.52 2.85 -9.83
N LEU A 392 15.33 3.24 -9.39
CA LEU A 392 14.50 4.28 -9.95
C LEU A 392 13.53 4.41 -8.81
N GLN A 393 13.01 3.29 -8.33
CA GLN A 393 12.12 3.35 -7.20
C GLN A 393 13.06 3.47 -6.03
N ASP A 394 14.34 3.60 -6.32
CA ASP A 394 15.36 3.70 -5.29
C ASP A 394 15.86 5.12 -5.15
N THR A 395 15.40 6.00 -6.03
CA THR A 395 15.81 7.40 -6.01
C THR A 395 14.75 8.37 -6.53
N GLY A 396 13.49 8.07 -6.29
CA GLY A 396 12.41 8.93 -6.73
C GLY A 396 12.47 9.44 -8.18
N GLY A 397 13.63 9.29 -8.81
CA GLY A 397 13.76 9.76 -10.16
C GLY A 397 15.13 10.36 -10.31
N LEU A 398 15.88 10.35 -9.20
CA LEU A 398 17.23 10.90 -9.14
C LEU A 398 18.25 10.18 -10.03
N ILE A 399 17.79 9.66 -11.17
CA ILE A 399 18.61 8.95 -12.13
C ILE A 399 20.02 9.55 -12.23
N ASP A 400 20.20 10.73 -11.63
CA ASP A 400 21.47 11.48 -11.64
C ASP A 400 22.27 11.36 -10.35
N SER A 401 21.67 10.74 -9.34
CA SER A 401 22.31 10.61 -8.04
C SER A 401 23.50 9.65 -7.95
N PRO A 402 24.47 9.97 -7.06
CA PRO A 402 25.68 9.19 -6.77
C PRO A 402 25.49 8.03 -5.79
N SER A 403 24.47 7.22 -6.01
CA SER A 403 24.20 6.06 -5.17
C SER A 403 24.92 4.82 -5.73
N ILE A 404 25.06 4.80 -7.05
CA ILE A 404 25.71 3.71 -7.76
C ILE A 404 27.06 4.24 -8.28
N ASN A 405 27.64 3.58 -9.28
CA ASN A 405 28.94 4.00 -9.84
C ASN A 405 28.81 5.12 -10.86
N LEU A 406 29.87 5.32 -11.64
CA LEU A 406 29.91 6.37 -12.63
C LEU A 406 29.23 6.04 -13.95
N ASP A 407 29.64 4.93 -14.57
CA ASP A 407 29.06 4.52 -15.86
C ASP A 407 27.68 3.90 -15.74
N VAL A 408 27.54 3.03 -14.75
CA VAL A 408 26.26 2.41 -14.46
C VAL A 408 25.33 3.60 -14.47
N ARG A 409 25.62 4.51 -13.55
CA ARG A 409 24.88 5.75 -13.38
C ARG A 409 24.46 6.26 -14.74
N LYS A 410 25.45 6.44 -15.60
CA LYS A 410 25.18 7.00 -16.90
C LYS A 410 24.42 6.11 -17.88
N GLN A 411 24.13 4.88 -17.49
CA GLN A 411 23.38 3.99 -18.38
C GLN A 411 21.90 4.28 -18.12
N TYR A 412 21.36 3.78 -17.01
CA TYR A 412 19.96 4.03 -16.69
C TYR A 412 19.59 5.37 -17.30
N LYS A 413 20.43 6.36 -17.04
CA LYS A 413 20.21 7.72 -17.53
C LYS A 413 19.98 7.63 -19.02
N ARG A 414 20.99 7.16 -19.72
CA ARG A 414 20.92 7.00 -21.16
C ARG A 414 19.66 6.18 -21.51
N ASP A 415 19.39 5.16 -20.69
CA ASP A 415 18.25 4.27 -20.91
C ASP A 415 16.91 4.88 -20.53
N ILE A 416 16.75 5.17 -19.24
CA ILE A 416 15.53 5.74 -18.72
C ILE A 416 15.15 6.93 -19.58
N GLN A 417 16.13 7.46 -20.31
CA GLN A 417 15.90 8.61 -21.17
C GLN A 417 15.29 8.19 -22.49
N ASN A 418 15.63 6.97 -22.93
CA ASN A 418 15.14 6.40 -24.19
C ASN A 418 13.73 5.80 -24.06
N ILE A 419 13.57 4.91 -23.08
CA ILE A 419 12.28 4.31 -22.85
C ILE A 419 11.25 5.41 -22.69
N ASP A 420 11.59 6.45 -21.91
CA ASP A 420 10.70 7.59 -21.69
C ASP A 420 10.08 8.03 -23.00
N ALA A 421 10.95 8.53 -23.87
CA ALA A 421 10.55 9.02 -25.18
C ALA A 421 10.01 7.85 -26.00
N LEU A 422 10.10 6.65 -25.44
CA LEU A 422 9.60 5.49 -26.14
C LEU A 422 8.07 5.34 -25.99
N LEU A 423 7.56 5.33 -24.76
CA LEU A 423 6.12 5.20 -24.53
C LEU A 423 5.42 6.54 -24.71
N HIS A 424 4.96 6.84 -25.92
CA HIS A 424 4.33 8.13 -26.16
C HIS A 424 2.90 8.11 -26.71
N GLN A 425 2.16 7.03 -26.50
CA GLN A 425 0.79 7.02 -26.99
C GLN A 425 -0.09 7.51 -25.86
N SER A 426 -0.95 8.48 -26.14
CA SER A 426 -1.83 9.00 -25.11
C SER A 426 -2.56 7.79 -24.52
N ILE A 427 -3.80 7.57 -24.97
CA ILE A 427 -4.62 6.44 -24.56
C ILE A 427 -6.07 6.69 -24.92
N GLY A 428 -6.84 7.27 -24.00
CA GLY A 428 -8.24 7.52 -24.29
C GLY A 428 -8.55 7.70 -25.77
N SER A 429 -8.97 6.62 -26.44
CA SER A 429 -9.31 6.66 -27.88
C SER A 429 -10.83 6.57 -28.11
N THR A 430 -11.23 6.59 -29.38
CA THR A 430 -12.64 6.51 -29.76
C THR A 430 -13.27 5.16 -29.39
N LEU A 431 -12.48 4.32 -28.75
CA LEU A 431 -12.92 2.97 -28.38
C LEU A 431 -13.32 2.81 -26.92
N TYR A 432 -12.33 2.80 -26.05
CA TYR A 432 -12.53 2.61 -24.61
C TYR A 432 -12.70 3.91 -23.78
N ASN A 433 -13.49 3.82 -22.72
CA ASN A 433 -13.75 4.96 -21.84
C ASN A 433 -13.07 4.86 -20.50
N LYS A 434 -13.79 5.17 -19.42
CA LYS A 434 -13.21 5.09 -18.10
C LYS A 434 -12.73 3.66 -18.00
N ILE A 435 -11.42 3.46 -18.08
CA ILE A 435 -10.88 2.13 -18.05
C ILE A 435 -9.79 2.03 -17.01
N TYR A 436 -9.87 1.01 -16.16
CA TYR A 436 -8.89 0.86 -15.10
C TYR A 436 -7.97 -0.31 -15.36
N LEU A 437 -6.75 -0.20 -14.88
CA LEU A 437 -5.78 -1.27 -15.02
C LEU A 437 -5.59 -1.78 -13.63
N TYR A 438 -4.72 -2.75 -13.42
CA TYR A 438 -4.56 -3.25 -12.07
C TYR A 438 -3.11 -3.47 -11.76
N GLU A 439 -2.88 -4.14 -10.64
CA GLU A 439 -1.55 -4.46 -10.20
C GLU A 439 -1.69 -4.94 -8.79
N ASN A 440 -0.87 -5.93 -8.42
CA ASN A 440 -0.88 -6.49 -7.06
C ASN A 440 0.53 -6.31 -6.56
N MET A 441 0.69 -6.20 -5.25
CA MET A 441 2.03 -6.03 -4.68
C MET A 441 1.89 -6.37 -3.25
N ASN A 442 2.99 -6.38 -2.50
CA ASN A 442 2.84 -6.69 -1.08
C ASN A 442 3.16 -5.56 -0.12
N ILE A 443 2.26 -5.40 0.84
CA ILE A 443 2.33 -4.39 1.89
C ILE A 443 3.73 -4.31 2.45
N ASN A 444 4.60 -5.22 2.01
CA ASN A 444 5.95 -5.19 2.50
C ASN A 444 6.80 -4.27 1.64
N ASN A 445 6.21 -3.72 0.59
CA ASN A 445 6.90 -2.80 -0.31
C ASN A 445 6.58 -1.36 0.12
N LEU A 446 5.39 -1.17 0.67
CA LEU A 446 4.95 0.12 1.13
C LEU A 446 5.48 0.31 2.55
N THR A 447 4.96 -0.47 3.50
CA THR A 447 5.41 -0.38 4.91
C THR A 447 5.69 -1.70 5.57
N ALA A 448 6.81 -2.31 5.23
CA ALA A 448 7.24 -3.59 5.80
C ALA A 448 6.99 -3.76 7.29
N THR A 449 7.04 -2.67 8.04
CA THR A 449 6.82 -2.72 9.48
C THR A 449 5.42 -3.23 9.78
N LEU A 450 4.49 -2.98 8.87
CA LEU A 450 3.12 -3.47 9.02
C LEU A 450 3.06 -4.74 8.23
N GLY A 451 3.99 -4.88 7.28
CA GLY A 451 4.03 -6.08 6.47
C GLY A 451 3.86 -7.24 7.43
N ALA A 452 4.80 -7.34 8.35
CA ALA A 452 4.78 -8.41 9.33
C ALA A 452 3.37 -8.88 9.64
N ASP A 453 2.66 -8.08 10.43
CA ASP A 453 1.33 -8.46 10.86
C ASP A 453 0.15 -8.23 9.91
N LEU A 454 0.41 -7.88 8.65
CA LEU A 454 -0.69 -7.64 7.72
C LEU A 454 -1.67 -8.78 7.83
N VAL A 455 -1.23 -9.97 7.42
CA VAL A 455 -2.06 -11.17 7.42
C VAL A 455 -2.06 -11.88 8.77
N ASP A 456 -3.26 -12.25 9.21
CA ASP A 456 -3.50 -12.88 10.51
C ASP A 456 -2.42 -13.66 11.24
N SER A 457 -1.61 -14.44 10.52
CA SER A 457 -0.58 -15.25 11.16
C SER A 457 -1.23 -16.30 12.03
N THR A 458 -2.50 -16.56 11.76
CA THR A 458 -3.27 -17.55 12.52
C THR A 458 -4.54 -17.90 11.75
N ASP A 459 -4.46 -17.74 10.43
CA ASP A 459 -5.55 -18.06 9.53
C ASP A 459 -5.16 -17.77 8.09
N ASN A 460 -3.93 -17.25 7.92
CA ASN A 460 -3.36 -16.96 6.61
C ASN A 460 -4.41 -16.80 5.51
N THR A 461 -5.57 -16.29 5.90
CA THR A 461 -6.66 -16.06 4.96
C THR A 461 -7.26 -14.74 5.45
N LYS A 462 -7.47 -14.69 6.77
CA LYS A 462 -8.02 -13.52 7.44
C LYS A 462 -6.95 -12.46 7.67
N ILE A 463 -7.21 -11.25 7.19
CA ILE A 463 -6.27 -10.15 7.37
C ILE A 463 -6.48 -9.58 8.76
N ASN A 464 -5.40 -9.28 9.46
CA ASN A 464 -5.49 -8.73 10.81
C ASN A 464 -6.02 -7.30 10.82
N ARG A 465 -7.34 -7.17 11.01
CA ARG A 465 -8.01 -5.88 11.05
C ARG A 465 -7.11 -4.87 11.70
N GLY A 466 -6.65 -5.22 12.88
CA GLY A 466 -5.77 -4.35 13.61
C GLY A 466 -4.84 -3.66 12.65
N ILE A 467 -3.74 -4.33 12.32
CA ILE A 467 -2.77 -3.75 11.44
C ILE A 467 -3.37 -3.31 10.12
N PHE A 468 -4.62 -3.65 9.87
CA PHE A 468 -5.23 -3.19 8.63
C PHE A 468 -5.39 -1.70 8.70
N ASN A 469 -6.21 -1.27 9.64
CA ASN A 469 -6.47 0.14 9.88
C ASN A 469 -5.17 0.92 9.88
N GLU A 470 -4.30 0.61 10.85
CA GLU A 470 -3.00 1.25 10.95
C GLU A 470 -2.45 1.51 9.54
N PHE A 471 -2.67 0.57 8.64
CA PHE A 471 -2.20 0.75 7.27
C PHE A 471 -2.99 1.89 6.64
N LYS A 472 -4.25 1.63 6.34
CA LYS A 472 -5.13 2.59 5.69
C LYS A 472 -5.18 3.99 6.25
N LYS A 473 -5.24 4.12 7.58
CA LYS A 473 -5.36 5.42 8.26
C LYS A 473 -4.94 6.67 7.46
N ASN A 474 -3.65 6.78 7.17
CA ASN A 474 -3.13 7.92 6.45
C ASN A 474 -2.62 7.45 5.11
N PHE A 475 -3.54 7.21 4.19
CA PHE A 475 -3.20 6.75 2.85
C PHE A 475 -4.21 7.41 1.95
N LYS A 476 -3.83 8.53 1.38
CA LYS A 476 -4.73 9.27 0.53
C LYS A 476 -4.12 9.57 -0.84
N TYR A 477 -2.79 9.66 -0.90
CA TYR A 477 -2.15 9.94 -2.18
C TYR A 477 -0.81 9.21 -2.32
N SER A 478 -0.74 8.36 -3.33
CA SER A 478 0.48 7.62 -3.60
C SER A 478 1.03 7.96 -4.97
N ILE A 479 2.35 7.94 -5.03
CA ILE A 479 3.08 8.27 -6.25
C ILE A 479 4.11 7.17 -6.51
N SER A 480 4.20 6.73 -7.77
CA SER A 480 5.14 5.70 -8.17
C SER A 480 6.17 6.42 -8.98
N SER A 481 7.37 6.50 -8.44
CA SER A 481 8.44 7.21 -9.11
C SER A 481 8.85 6.50 -10.39
N ASN A 482 8.79 5.17 -10.34
CA ASN A 482 9.20 4.27 -11.43
C ASN A 482 8.19 3.86 -12.49
N TYR A 483 8.68 3.03 -13.40
CA TYR A 483 7.90 2.49 -14.51
C TYR A 483 6.92 1.42 -14.10
N MET A 484 5.65 1.76 -14.19
CA MET A 484 4.58 0.83 -13.81
C MET A 484 4.19 -0.09 -14.96
N ILE A 485 4.12 -1.39 -14.65
CA ILE A 485 3.67 -2.41 -15.60
C ILE A 485 2.45 -2.94 -14.89
N VAL A 486 1.36 -3.05 -15.62
CA VAL A 486 0.13 -3.46 -14.98
C VAL A 486 -0.70 -4.48 -15.68
N ASP A 487 -1.26 -5.39 -14.88
CA ASP A 487 -2.12 -6.46 -15.35
C ASP A 487 -3.43 -5.85 -15.82
N ILE A 488 -3.70 -5.95 -17.10
CA ILE A 488 -4.91 -5.38 -17.66
C ILE A 488 -6.06 -6.34 -17.56
N ASN A 489 -6.43 -6.62 -16.32
CA ASN A 489 -7.52 -7.52 -15.92
C ASN A 489 -7.14 -8.22 -14.65
N GLU A 490 -7.89 -7.99 -13.59
CA GLU A 490 -7.58 -8.63 -12.32
C GLU A 490 -6.94 -10.00 -12.51
N ARG A 491 -5.63 -10.09 -12.25
CA ARG A 491 -4.95 -11.37 -12.36
C ARG A 491 -4.81 -11.90 -10.93
N PRO A 492 -5.08 -13.18 -10.70
CA PRO A 492 -4.95 -13.69 -9.35
C PRO A 492 -3.54 -13.44 -8.92
N ALA A 493 -3.37 -12.86 -7.74
CA ALA A 493 -2.02 -12.62 -7.26
C ALA A 493 -1.55 -13.81 -6.43
N LEU A 494 -0.27 -13.80 -6.04
CA LEU A 494 0.30 -14.88 -5.26
C LEU A 494 -0.26 -15.18 -3.86
N ASP A 495 0.63 -15.12 -2.88
CA ASP A 495 0.29 -15.45 -1.51
C ASP A 495 0.86 -14.44 -0.53
N ASN A 496 1.85 -13.67 -1.01
CA ASN A 496 2.48 -12.62 -0.22
C ASN A 496 2.07 -11.31 -0.90
N GLU A 497 1.80 -11.38 -2.21
CA GLU A 497 1.30 -10.24 -2.92
C GLU A 497 -0.12 -10.14 -2.36
N ARG A 498 -0.37 -9.23 -1.44
CA ARG A 498 -1.70 -9.16 -0.86
C ARG A 498 -2.55 -7.91 -1.14
N LEU A 499 -1.96 -6.90 -1.77
CA LEU A 499 -2.69 -5.70 -2.09
C LEU A 499 -3.11 -5.79 -3.52
N LYS A 500 -4.36 -5.44 -3.82
CA LYS A 500 -4.85 -5.45 -5.19
C LYS A 500 -5.30 -4.07 -5.63
N TRP A 501 -4.39 -3.30 -6.20
CA TRP A 501 -4.67 -1.96 -6.69
C TRP A 501 -5.48 -2.00 -7.95
N ARG A 502 -6.52 -1.18 -8.02
CA ARG A 502 -7.38 -1.12 -9.19
C ARG A 502 -7.23 0.27 -9.74
N ILE A 503 -6.00 0.70 -9.95
CA ILE A 503 -5.80 2.05 -10.40
C ILE A 503 -6.61 2.37 -11.64
N GLN A 504 -7.10 3.61 -11.69
CA GLN A 504 -7.90 4.11 -12.80
C GLN A 504 -7.14 5.17 -13.58
N LEU A 505 -6.28 4.75 -14.49
CA LEU A 505 -5.51 5.70 -15.30
C LEU A 505 -6.47 6.69 -15.98
N SER A 506 -5.90 7.63 -16.72
CA SER A 506 -6.73 8.63 -17.36
C SER A 506 -6.21 9.19 -18.67
N PRO A 507 -7.12 9.46 -19.59
CA PRO A 507 -6.77 10.02 -20.89
C PRO A 507 -5.61 10.96 -20.67
N ASP A 508 -4.52 10.68 -21.37
CA ASP A 508 -3.30 11.46 -21.30
C ASP A 508 -2.18 10.76 -20.56
N THR A 509 -2.48 9.71 -19.80
CA THR A 509 -1.42 8.97 -19.13
C THR A 509 -0.78 8.12 -20.21
N ARG A 510 0.54 8.09 -20.27
CA ARG A 510 1.13 7.28 -21.31
C ARG A 510 1.66 5.92 -20.83
N ALA A 511 1.44 4.90 -21.65
CA ALA A 511 1.86 3.54 -21.38
C ALA A 511 2.28 2.80 -22.64
N GLY A 512 2.61 1.53 -22.47
CA GLY A 512 3.01 0.68 -23.57
C GLY A 512 2.19 -0.60 -23.45
N TYR A 513 2.13 -1.39 -24.51
CA TYR A 513 1.38 -2.64 -24.44
C TYR A 513 2.32 -3.83 -24.47
N LEU A 514 2.49 -4.46 -23.32
CA LEU A 514 3.36 -5.62 -23.22
C LEU A 514 2.60 -6.92 -23.30
N GLU A 515 2.65 -7.54 -24.49
CA GLU A 515 2.00 -8.83 -24.70
C GLU A 515 2.22 -9.60 -23.43
N ASN A 516 1.17 -10.26 -22.97
CA ASN A 516 1.22 -11.02 -21.75
C ASN A 516 -0.03 -10.63 -21.01
N GLY A 517 -0.57 -9.47 -21.40
CA GLY A 517 -1.74 -8.89 -20.79
C GLY A 517 -1.20 -8.05 -19.65
N LYS A 518 -0.44 -7.01 -20.02
CA LYS A 518 0.20 -6.12 -19.05
C LYS A 518 0.61 -4.82 -19.74
N LEU A 519 0.35 -3.69 -19.09
CA LEU A 519 0.72 -2.37 -19.62
C LEU A 519 1.78 -1.69 -18.80
N ILE A 520 2.77 -1.12 -19.48
CA ILE A 520 3.83 -0.40 -18.81
C ILE A 520 3.35 1.01 -19.04
N LEU A 521 3.22 1.82 -17.98
CA LEU A 521 2.78 3.23 -18.14
C LEU A 521 3.77 4.19 -17.46
N GLN A 522 4.23 5.16 -18.25
CA GLN A 522 5.24 6.16 -17.89
C GLN A 522 5.74 6.35 -16.48
N ARG A 523 6.69 7.27 -16.38
CA ARG A 523 7.33 7.63 -15.12
C ARG A 523 6.54 8.78 -14.47
N ASN A 524 6.78 9.03 -13.18
CA ASN A 524 6.10 10.11 -12.45
C ASN A 524 4.61 10.18 -12.66
N ILE A 525 3.87 9.38 -11.92
CA ILE A 525 2.41 9.40 -12.00
C ILE A 525 1.87 9.59 -10.59
N GLY A 526 0.70 10.21 -10.51
CA GLY A 526 0.06 10.46 -9.23
C GLY A 526 -1.20 9.66 -9.00
N LEU A 527 -1.45 9.28 -7.74
CA LEU A 527 -2.63 8.48 -7.43
C LEU A 527 -3.41 8.88 -6.15
N GLU A 528 -4.64 9.35 -6.28
CA GLU A 528 -5.39 9.72 -5.11
C GLU A 528 -6.04 8.44 -4.58
N ILE A 529 -5.50 7.90 -3.50
CA ILE A 529 -6.04 6.68 -2.89
C ILE A 529 -7.47 6.98 -2.49
N LYS A 530 -8.44 6.72 -3.35
CA LYS A 530 -9.81 7.08 -3.00
C LYS A 530 -10.72 6.04 -2.35
N ASP A 531 -10.15 5.04 -1.70
CA ASP A 531 -10.94 4.00 -1.06
C ASP A 531 -10.00 2.83 -0.78
N VAL A 532 -10.14 2.21 0.39
CA VAL A 532 -9.29 1.07 0.73
C VAL A 532 -9.94 0.10 1.70
N GLN A 533 -10.91 -0.64 1.22
CA GLN A 533 -11.61 -1.63 2.01
C GLN A 533 -10.81 -2.94 2.03
N ILE A 534 -11.49 -4.06 2.25
CA ILE A 534 -10.84 -5.37 2.19
C ILE A 534 -11.82 -6.38 1.60
N ILE A 535 -11.38 -7.10 0.58
CA ILE A 535 -12.22 -8.07 -0.12
C ILE A 535 -11.91 -9.52 0.19
N LYS A 536 -12.72 -10.36 -0.46
CA LYS A 536 -12.65 -11.81 -0.37
C LYS A 536 -12.47 -12.31 -1.81
N GLN A 537 -11.28 -12.78 -2.14
CA GLN A 537 -11.03 -13.29 -3.48
C GLN A 537 -10.73 -14.76 -3.42
N SER A 538 -11.73 -15.60 -3.68
CA SER A 538 -11.52 -17.03 -3.67
C SER A 538 -11.03 -17.44 -2.29
N GLU A 539 -11.98 -17.62 -1.37
CA GLU A 539 -11.71 -18.01 0.02
C GLU A 539 -10.61 -17.27 0.81
N LYS A 540 -9.84 -16.41 0.14
CA LYS A 540 -8.79 -15.64 0.81
C LYS A 540 -9.15 -14.15 0.89
N GLU A 541 -8.74 -13.47 1.97
CA GLU A 541 -9.02 -12.04 2.13
C GLU A 541 -7.93 -11.20 1.50
N TYR A 542 -8.30 -10.01 1.03
CA TYR A 542 -7.34 -9.13 0.41
C TYR A 542 -7.64 -7.66 0.70
N ILE A 543 -6.59 -6.86 0.68
CA ILE A 543 -6.69 -5.42 0.89
C ILE A 543 -6.83 -4.86 -0.50
N ARG A 544 -7.73 -3.91 -0.69
CA ARG A 544 -7.93 -3.34 -2.01
C ARG A 544 -7.54 -1.89 -2.11
N ILE A 545 -6.34 -1.63 -2.58
CA ILE A 545 -5.86 -0.26 -2.70
C ILE A 545 -6.40 0.45 -3.92
N ASP A 546 -7.68 0.25 -4.20
CA ASP A 546 -8.30 0.90 -5.36
C ASP A 546 -8.06 2.40 -5.41
N ALA A 547 -7.47 2.90 -6.49
CA ALA A 547 -7.16 4.32 -6.61
C ALA A 547 -7.53 4.94 -7.94
N LYS A 548 -6.91 6.09 -8.24
CA LYS A 548 -7.12 6.87 -9.48
C LYS A 548 -6.02 7.90 -9.69
N VAL A 549 -5.54 8.01 -10.92
CA VAL A 549 -4.47 8.94 -11.25
C VAL A 549 -4.84 10.42 -11.24
N VAL A 550 -3.86 11.24 -10.88
CA VAL A 550 -3.94 12.69 -10.80
C VAL A 550 -2.52 13.06 -11.12
N PRO A 551 -2.27 14.30 -11.53
CA PRO A 551 -0.92 14.80 -11.87
C PRO A 551 0.03 14.96 -10.66
N LYS A 552 1.27 14.48 -10.75
CA LYS A 552 2.23 14.54 -9.62
C LYS A 552 2.37 15.99 -9.21
N SER A 553 2.22 16.85 -10.19
CA SER A 553 2.28 18.28 -10.00
C SER A 553 1.38 18.57 -8.80
N LYS A 554 0.09 18.30 -8.96
CA LYS A 554 -0.91 18.46 -7.91
C LYS A 554 -0.60 17.64 -6.66
N ILE A 555 0.37 16.73 -6.73
CA ILE A 555 0.70 15.91 -5.58
C ILE A 555 1.83 16.51 -4.79
N ASP A 556 2.94 16.82 -5.45
CA ASP A 556 4.06 17.39 -4.73
C ASP A 556 3.58 18.59 -3.91
N THR A 557 2.55 19.27 -4.40
CA THR A 557 2.00 20.41 -3.68
C THR A 557 1.58 19.93 -2.30
N LYS A 558 0.51 19.15 -2.24
CA LYS A 558 0.00 18.63 -0.98
C LYS A 558 1.11 18.22 -0.03
N ILE A 559 2.30 18.02 -0.55
CA ILE A 559 3.40 17.62 0.32
C ILE A 559 4.00 18.80 1.03
N GLN A 560 4.82 19.58 0.33
CA GLN A 560 5.46 20.72 0.98
C GLN A 560 4.40 21.56 1.70
N GLU A 561 3.27 21.75 1.03
CA GLU A 561 2.18 22.49 1.62
C GLU A 561 1.85 21.83 2.95
N ALA A 562 2.48 20.69 3.19
CA ALA A 562 2.33 19.93 4.43
C ALA A 562 3.67 19.91 5.11
N GLN A 563 4.73 19.94 4.31
CA GLN A 563 6.07 19.97 4.87
C GLN A 563 6.18 21.19 5.79
N LEU A 564 5.25 22.12 5.62
CA LEU A 564 5.26 23.34 6.42
C LEU A 564 4.52 23.14 7.72
N ASN A 565 3.21 23.03 7.60
CA ASN A 565 2.37 22.84 8.76
C ASN A 565 3.07 22.00 9.79
N ILE A 566 3.92 21.08 9.35
CA ILE A 566 4.67 20.28 10.30
C ILE A 566 5.72 21.20 10.91
N ASN A 567 6.62 21.72 10.08
CA ASN A 567 7.67 22.61 10.55
C ASN A 567 7.14 23.70 11.44
N GLN A 568 6.39 24.64 10.85
CA GLN A 568 5.78 25.73 11.60
C GLN A 568 5.29 25.12 12.91
N GLU A 569 4.20 24.36 12.86
CA GLU A 569 3.65 23.71 14.05
C GLU A 569 4.71 23.13 14.97
N TRP A 570 5.90 22.86 14.46
CA TRP A 570 6.95 22.34 15.31
C TRP A 570 7.89 23.42 15.81
N ASN A 571 8.38 24.25 14.90
CA ASN A 571 9.27 25.33 15.27
C ASN A 571 8.85 25.96 16.59
N LYS A 572 7.54 26.12 16.76
CA LYS A 572 6.99 26.70 17.99
C LYS A 572 7.53 25.86 19.13
N ALA A 573 6.79 24.83 19.49
CA ALA A 573 7.20 23.95 20.57
C ALA A 573 8.72 23.83 20.67
N LEU A 574 9.34 23.31 19.61
CA LEU A 574 10.78 23.14 19.60
C LEU A 574 11.49 24.40 20.05
N GLY A 575 11.04 25.56 19.55
CA GLY A 575 11.67 26.82 19.91
C GLY A 575 12.81 27.20 18.97
N LEU A 576 12.45 27.55 17.73
CA LEU A 576 13.46 27.94 16.75
C LEU A 576 12.98 29.21 16.02
N PRO A 577 13.82 29.78 15.16
CA PRO A 577 13.42 30.98 14.43
C PRO A 577 12.27 30.64 13.51
N LYS A 578 11.14 31.33 13.63
CA LYS A 578 10.01 31.07 12.76
C LYS A 578 10.56 30.98 11.33
N TYR A 579 9.97 30.14 10.49
CA TYR A 579 10.42 29.99 9.10
C TYR A 579 11.73 29.21 8.86
N THR A 580 12.07 28.28 9.74
CA THR A 580 13.28 27.49 9.54
C THR A 580 12.95 26.23 8.76
N LYS A 581 13.95 25.40 8.51
CA LYS A 581 13.74 24.15 7.78
C LYS A 581 14.37 22.99 8.55
N LEU A 582 13.63 22.45 9.52
CA LEU A 582 14.15 21.35 10.32
C LEU A 582 13.70 20.02 9.72
N ILE A 583 12.40 19.74 9.84
CA ILE A 583 11.89 18.51 9.27
C ILE A 583 11.71 18.73 7.77
N THR A 584 12.56 18.10 6.97
CA THR A 584 12.45 18.23 5.53
C THR A 584 11.94 16.93 4.94
N PHE A 585 11.14 17.04 3.89
CA PHE A 585 10.57 15.85 3.28
C PHE A 585 11.26 15.42 2.00
N ASN A 586 11.08 14.16 1.67
CA ASN A 586 11.63 13.55 0.47
C ASN A 586 10.89 12.25 0.24
N VAL A 587 9.72 12.31 -0.38
CA VAL A 587 8.93 11.12 -0.64
C VAL A 587 8.52 11.09 -2.10
N HIS A 588 8.77 9.97 -2.76
CA HIS A 588 8.43 9.81 -4.18
C HIS A 588 7.78 8.47 -4.48
N ASN A 589 7.82 7.56 -3.51
CA ASN A 589 7.26 6.22 -3.70
C ASN A 589 6.00 5.83 -2.93
N ARG A 590 5.05 5.30 -3.68
CA ARG A 590 3.77 4.77 -3.21
C ARG A 590 3.24 4.98 -1.79
N TYR A 591 4.05 5.40 -0.85
CA TYR A 591 3.50 5.59 0.47
C TYR A 591 3.88 6.92 1.10
N ALA A 592 3.67 8.01 0.35
CA ALA A 592 3.98 9.34 0.84
C ALA A 592 2.86 9.65 1.78
N SER A 593 1.65 9.57 1.24
CA SER A 593 0.44 9.80 1.99
C SER A 593 0.55 9.22 3.39
N ASN A 594 1.74 8.75 3.75
CA ASN A 594 2.03 8.23 5.07
C ASN A 594 3.52 8.32 5.27
N ILE A 595 4.26 8.52 4.20
CA ILE A 595 5.69 8.65 4.35
C ILE A 595 5.79 9.91 5.19
N VAL A 596 5.38 11.01 4.57
CA VAL A 596 5.37 12.34 5.18
C VAL A 596 4.42 12.40 6.34
N GLU A 597 3.14 12.39 6.02
CA GLU A 597 2.12 12.52 7.03
C GLU A 597 2.38 11.67 8.28
N SER A 598 3.19 10.63 8.18
CA SER A 598 3.46 9.85 9.38
C SER A 598 4.13 10.80 10.35
N ALA A 599 5.36 11.16 10.00
CA ALA A 599 6.20 12.09 10.77
C ALA A 599 5.58 12.53 12.09
N TYR A 600 4.50 13.28 11.97
CA TYR A 600 3.78 13.80 13.11
C TYR A 600 3.85 12.84 14.29
N LEU A 601 3.43 11.60 14.09
CA LEU A 601 3.48 10.67 15.20
C LEU A 601 4.94 10.44 15.62
N ILE A 602 5.83 10.21 14.66
CA ILE A 602 7.23 9.98 14.99
C ILE A 602 7.71 11.07 15.93
N LEU A 603 8.01 12.22 15.38
CA LEU A 603 8.46 13.36 16.16
C LEU A 603 7.68 13.47 17.48
N ASN A 604 6.36 13.61 17.38
CA ASN A 604 5.49 13.75 18.55
C ASN A 604 5.84 12.76 19.65
N GLU A 605 6.36 11.61 19.24
CA GLU A 605 6.74 10.58 20.19
C GLU A 605 8.14 10.84 20.68
N TRP A 606 8.88 11.63 19.92
CA TRP A 606 10.25 11.98 20.28
C TRP A 606 10.19 12.95 21.44
N LYS A 607 9.34 13.96 21.31
CA LYS A 607 9.17 14.94 22.35
C LYS A 607 8.63 14.22 23.58
N ASN A 608 7.38 13.79 23.47
CA ASN A 608 6.67 13.09 24.54
C ASN A 608 7.48 12.37 25.62
N ASN A 609 8.24 11.34 25.23
CA ASN A 609 9.03 10.53 26.17
C ASN A 609 10.28 11.17 26.78
N ILE A 610 11.04 11.95 25.99
CA ILE A 610 12.25 12.62 26.47
C ILE A 610 11.87 13.90 27.23
N GLN A 611 12.86 14.60 27.78
CA GLN A 611 12.58 15.83 28.51
C GLN A 611 12.83 17.09 27.67
N SER A 612 11.78 17.90 27.53
CA SER A 612 11.83 19.14 26.74
C SER A 612 13.19 19.81 26.76
N ASP A 613 13.54 20.37 27.91
CA ASP A 613 14.82 21.05 28.04
C ASP A 613 15.95 20.42 27.23
N LEU A 614 15.92 19.10 27.07
CA LEU A 614 16.96 18.42 26.33
C LEU A 614 16.90 18.72 24.84
N ILE A 615 16.04 18.01 24.13
CA ILE A 615 15.92 18.16 22.68
C ILE A 615 15.92 19.63 22.27
N LYS A 616 15.15 20.46 22.95
CA LYS A 616 15.09 21.88 22.60
C LYS A 616 16.50 22.41 22.52
N LYS A 617 17.28 22.08 23.53
CA LYS A 617 18.66 22.52 23.62
C LYS A 617 19.52 21.97 22.49
N VAL A 618 19.40 20.66 22.23
CA VAL A 618 20.22 20.01 21.20
C VAL A 618 19.71 20.14 19.78
N THR A 619 18.40 20.10 19.60
CA THR A 619 17.83 20.22 18.25
C THR A 619 18.40 21.49 17.68
N ASN A 620 19.01 22.28 18.55
CA ASN A 620 19.64 23.51 18.13
C ASN A 620 21.06 23.26 17.65
N TYR A 621 21.85 22.50 18.40
CA TYR A 621 23.22 22.25 17.95
C TYR A 621 23.12 21.91 16.49
N LEU A 622 22.30 20.91 16.18
CA LEU A 622 22.15 20.49 14.80
C LEU A 622 21.81 21.67 13.90
N VAL A 623 20.68 22.33 14.17
CA VAL A 623 20.30 23.45 13.32
C VAL A 623 21.42 24.47 13.26
N ASP A 624 22.31 24.45 14.25
CA ASP A 624 23.45 25.38 14.28
C ASP A 624 24.43 25.07 13.16
N GLY A 625 24.21 23.95 12.48
CA GLY A 625 25.06 23.55 11.39
C GLY A 625 24.14 23.13 10.26
N ASN A 626 23.02 23.83 10.16
CA ASN A 626 22.00 23.54 9.15
C ASN A 626 21.81 22.05 8.85
N GLY A 627 21.23 21.36 9.82
CA GLY A 627 20.95 19.94 9.68
C GLY A 627 19.45 19.71 9.67
N ARG A 628 19.02 18.50 9.32
CA ARG A 628 17.60 18.22 9.25
C ARG A 628 17.12 16.92 9.88
N PHE A 629 15.83 16.69 9.74
CA PHE A 629 15.18 15.49 10.23
C PHE A 629 14.54 14.87 9.00
N VAL A 630 15.37 14.51 8.02
CA VAL A 630 14.90 13.97 6.74
C VAL A 630 14.07 12.69 6.78
N PHE A 631 12.77 12.85 6.60
CA PHE A 631 11.84 11.72 6.54
C PHE A 631 11.78 11.39 5.06
N THR A 632 12.34 10.24 4.69
CA THR A 632 12.42 9.87 3.29
C THR A 632 11.88 8.49 2.97
N ASP A 633 11.55 8.27 1.70
CA ASP A 633 11.03 6.99 1.26
C ASP A 633 11.91 6.42 0.15
N ILE A 634 12.99 7.13 -0.15
CA ILE A 634 13.94 6.68 -1.16
C ILE A 634 14.99 5.90 -0.38
N THR A 635 16.25 5.93 -0.81
CA THR A 635 17.26 5.17 -0.10
C THR A 635 18.42 5.99 0.42
N LEU A 636 18.77 5.79 1.69
CA LEU A 636 19.84 6.52 2.34
C LEU A 636 21.13 6.73 1.55
N PRO A 637 21.36 5.96 0.51
CA PRO A 637 22.58 6.26 -0.23
C PRO A 637 22.17 7.21 -1.33
N ASN A 638 21.05 7.87 -1.12
CA ASN A 638 20.49 8.80 -2.08
C ASN A 638 20.07 10.08 -1.41
N ILE A 639 19.69 9.99 -0.15
CA ILE A 639 19.26 11.17 0.59
C ILE A 639 20.45 12.13 0.68
N ALA A 640 20.29 13.29 0.05
CA ALA A 640 21.33 14.33 0.00
C ALA A 640 22.09 14.61 1.30
N GLU A 641 21.36 14.90 2.37
CA GLU A 641 21.96 15.22 3.67
C GLU A 641 23.05 14.26 4.11
N GLN A 642 23.48 13.39 3.20
CA GLN A 642 24.52 12.43 3.54
C GLN A 642 25.52 12.09 2.44
N TYR A 643 25.13 12.16 1.16
CA TYR A 643 26.09 11.78 0.15
C TYR A 643 27.19 12.74 -0.24
N THR A 644 26.90 14.02 -0.37
CA THR A 644 27.97 14.96 -0.72
C THR A 644 28.96 15.07 0.43
N HIS A 645 28.44 14.99 1.65
CA HIS A 645 29.26 15.09 2.86
C HIS A 645 29.82 13.72 3.24
N GLN A 646 29.52 12.71 2.43
CA GLN A 646 29.98 11.36 2.68
C GLN A 646 31.50 11.25 2.85
N ASP A 647 32.18 11.02 1.73
CA ASP A 647 33.63 10.88 1.70
C ASP A 647 33.97 10.15 0.40
N GLU A 648 33.71 8.85 0.43
CA GLU A 648 33.95 8.00 -0.71
C GLU A 648 32.71 7.12 -0.90
N ILE A 649 32.39 6.77 -2.14
CA ILE A 649 31.21 5.95 -2.47
C ILE A 649 31.26 4.50 -2.00
N TYR A 650 32.46 3.92 -1.98
CA TYR A 650 32.64 2.54 -1.55
C TYR A 650 31.91 2.26 -0.25
N GLU A 651 31.48 3.32 0.44
CA GLU A 651 30.75 3.20 1.69
C GLU A 651 29.36 3.80 1.45
N GLN A 652 28.39 3.48 2.30
CA GLN A 652 27.04 4.01 2.11
C GLN A 652 26.15 3.87 3.31
N VAL A 653 25.86 2.62 3.69
CA VAL A 653 24.93 2.30 4.78
C VAL A 653 23.53 2.65 4.29
N HIS A 654 22.54 2.25 5.06
CA HIS A 654 21.16 2.50 4.72
C HIS A 654 20.33 1.83 5.78
N SER A 655 19.08 2.23 5.94
CA SER A 655 18.18 1.61 6.90
C SER A 655 17.19 2.59 7.51
N LYS A 656 16.36 2.06 8.39
CA LYS A 656 15.36 2.84 9.09
C LYS A 656 16.16 3.99 9.69
N GLY A 657 16.96 3.64 10.70
CA GLY A 657 17.78 4.61 11.40
C GLY A 657 19.08 5.01 10.71
N LEU A 658 19.51 6.24 11.00
CA LEU A 658 20.74 6.81 10.46
C LEU A 658 21.09 8.15 11.12
N TYR A 659 22.39 8.36 11.32
CA TYR A 659 22.94 9.58 11.91
C TYR A 659 24.14 10.05 11.08
N VAL A 660 24.21 11.33 10.76
CA VAL A 660 25.33 11.84 9.97
C VAL A 660 25.86 13.18 10.45
N PRO A 661 27.04 13.16 11.08
CA PRO A 661 27.70 14.36 11.58
C PRO A 661 28.09 15.33 10.48
N GLU A 662 28.76 14.83 9.44
CA GLU A 662 29.18 15.66 8.33
C GLU A 662 28.07 16.64 7.93
N SER A 663 26.83 16.26 8.21
CA SER A 663 25.65 17.09 7.92
C SER A 663 24.66 16.81 9.02
N ARG A 664 25.18 16.78 10.25
CA ARG A 664 24.39 16.51 11.45
C ARG A 664 22.88 16.63 11.27
N SER A 665 22.30 15.60 10.68
CA SER A 665 20.87 15.53 10.47
C SER A 665 20.46 14.07 10.64
N ILE A 666 19.16 13.84 10.81
CA ILE A 666 18.66 12.48 10.97
C ILE A 666 17.93 12.04 9.72
N LEU A 667 18.29 10.87 9.22
CA LEU A 667 17.65 10.31 8.06
C LEU A 667 16.84 9.13 8.58
N LEU A 668 15.57 9.06 8.23
CA LEU A 668 14.73 7.96 8.67
C LEU A 668 13.93 7.41 7.52
N HIS A 669 14.30 6.20 7.08
CA HIS A 669 13.65 5.52 5.97
C HIS A 669 12.29 4.95 6.35
N GLY A 670 11.24 5.48 5.73
CA GLY A 670 9.89 5.06 6.05
C GLY A 670 9.47 3.61 5.92
N PRO A 671 9.70 2.98 4.77
CA PRO A 671 9.33 1.59 4.53
C PRO A 671 9.99 0.54 5.40
N SER A 672 11.27 0.30 5.14
CA SER A 672 12.07 -0.70 5.84
C SER A 672 11.74 -0.94 7.31
N LYS A 673 11.44 -2.20 7.66
CA LYS A 673 11.17 -2.57 9.04
C LYS A 673 12.54 -2.59 9.71
N GLY A 674 12.57 -2.71 11.04
CA GLY A 674 13.86 -2.66 11.72
C GLY A 674 14.42 -3.85 12.47
N VAL A 675 15.75 -3.90 12.51
CA VAL A 675 16.47 -4.95 13.22
C VAL A 675 16.26 -4.79 14.73
N GLU A 676 15.09 -5.25 15.18
CA GLU A 676 14.68 -5.21 16.59
C GLU A 676 14.14 -3.83 16.98
N LEU A 677 13.54 -3.16 16.02
CA LEU A 677 12.95 -1.85 16.26
C LEU A 677 11.45 -2.04 16.05
N ARG A 678 10.69 -2.09 17.14
CA ARG A 678 9.25 -2.32 17.07
C ARG A 678 8.48 -1.36 16.15
N ASN A 679 9.01 -0.16 15.94
CA ASN A 679 8.34 0.84 15.11
C ASN A 679 9.23 2.03 14.73
N ASP A 680 8.75 2.87 13.80
CA ASP A 680 9.50 4.06 13.36
C ASP A 680 9.86 4.94 14.55
N SER A 681 8.86 5.22 15.37
CA SER A 681 9.03 6.02 16.56
C SER A 681 10.33 5.62 17.26
N GLU A 682 10.28 4.52 17.98
CA GLU A 682 11.41 3.97 18.74
C GLU A 682 12.70 3.80 17.93
N GLY A 683 12.66 4.10 16.64
CA GLY A 683 13.86 3.96 15.83
C GLY A 683 14.50 5.31 15.69
N PHE A 684 13.68 6.34 15.79
CA PHE A 684 14.16 7.70 15.70
C PHE A 684 14.81 8.09 17.00
N ILE A 685 14.00 8.06 18.06
CA ILE A 685 14.44 8.42 19.41
C ILE A 685 15.84 7.86 19.60
N HIS A 686 16.05 6.65 19.12
CA HIS A 686 17.37 6.05 19.23
C HIS A 686 18.28 6.93 18.39
N GLU A 687 18.17 6.78 17.09
CA GLU A 687 18.98 7.55 16.20
C GLU A 687 19.36 8.92 16.73
N PHE A 688 18.38 9.69 17.18
CA PHE A 688 18.68 11.02 17.71
C PHE A 688 19.71 10.91 18.81
N GLY A 689 19.49 9.99 19.74
CA GLY A 689 20.41 9.80 20.83
C GLY A 689 21.83 9.69 20.33
N HIS A 690 21.96 9.22 19.10
CA HIS A 690 23.27 9.09 18.48
C HIS A 690 23.88 10.46 18.26
N ALA A 691 23.01 11.45 18.05
CA ALA A 691 23.39 12.83 17.85
C ALA A 691 23.75 13.45 19.20
N VAL A 692 23.19 12.89 20.27
CA VAL A 692 23.49 13.36 21.62
C VAL A 692 24.94 12.98 21.88
N ASP A 693 25.27 11.73 21.57
CA ASP A 693 26.63 11.26 21.75
C ASP A 693 27.52 12.06 20.80
N ASP A 694 26.98 13.17 20.30
CA ASP A 694 27.70 14.07 19.42
C ASP A 694 27.88 15.38 20.15
N TYR A 695 26.85 15.78 20.90
CA TYR A 695 26.88 17.02 21.68
C TYR A 695 28.13 17.10 22.53
N ALA A 696 28.25 16.19 23.48
CA ALA A 696 29.41 16.19 24.35
C ALA A 696 30.69 16.38 23.52
N GLY A 697 30.75 15.74 22.36
CA GLY A 697 31.91 15.84 21.49
C GLY A 697 32.30 17.25 21.07
N TYR A 698 31.43 18.22 21.39
CA TYR A 698 31.65 19.63 21.06
C TYR A 698 31.44 20.45 22.33
N LEU A 699 30.59 19.95 23.22
CA LEU A 699 30.32 20.60 24.48
C LEU A 699 31.46 20.18 25.40
N LEU A 700 32.61 19.97 24.77
CA LEU A 700 33.82 19.57 25.47
C LEU A 700 35.05 19.71 24.59
N ASP A 701 35.03 20.66 23.65
CA ASP A 701 36.18 20.84 22.78
C ASP A 701 36.16 21.96 21.75
N LYS A 702 37.37 22.43 21.45
CA LYS A 702 37.59 23.48 20.47
C LYS A 702 37.66 22.80 19.11
N ASN A 703 38.53 21.80 18.99
CA ASN A 703 38.67 21.11 17.71
C ASN A 703 38.92 19.61 17.75
N GLN A 704 38.45 18.94 18.81
CA GLN A 704 38.60 17.49 18.93
C GLN A 704 37.27 16.82 18.65
N SER A 705 36.61 17.25 17.57
CA SER A 705 35.32 16.69 17.14
C SER A 705 35.29 15.21 17.49
N ASP A 706 34.85 14.93 18.72
CA ASP A 706 34.81 13.57 19.20
C ASP A 706 33.38 13.22 19.55
N LEU A 707 33.22 12.14 20.29
CA LEU A 707 31.93 11.69 20.73
C LEU A 707 32.12 11.22 22.16
N VAL A 708 31.25 11.67 23.06
CA VAL A 708 31.32 11.30 24.47
C VAL A 708 31.68 9.83 24.56
N THR A 709 31.23 9.07 23.57
CA THR A 709 31.46 7.64 23.49
C THR A 709 32.90 7.28 23.12
N ASN A 710 33.57 8.14 22.34
CA ASN A 710 34.94 7.88 21.92
C ASN A 710 35.96 8.28 22.99
N SER A 711 35.64 8.00 24.25
CA SER A 711 36.52 8.35 25.36
C SER A 711 37.01 7.15 26.19
N LYS A 712 38.19 7.32 26.78
CA LYS A 712 38.80 6.27 27.61
C LYS A 712 37.96 6.05 28.84
N LYS A 713 37.29 7.11 29.30
CA LYS A 713 36.44 7.01 30.47
C LYS A 713 35.17 6.26 30.06
N PHE A 714 35.06 5.99 28.76
CA PHE A 714 33.90 5.30 28.22
C PHE A 714 34.23 3.92 27.63
N ILE A 715 35.36 3.82 26.93
CA ILE A 715 35.74 2.53 26.34
C ILE A 715 35.52 1.47 27.41
N ASP A 716 36.00 1.74 28.61
CA ASP A 716 35.85 0.81 29.72
C ASP A 716 34.37 0.53 29.88
N ILE A 717 33.58 1.59 30.10
CA ILE A 717 32.15 1.45 30.26
C ILE A 717 31.64 0.41 29.28
N PHE A 718 32.25 0.38 28.10
CA PHE A 718 31.85 -0.55 27.05
C PHE A 718 32.50 -1.94 27.18
N LYS A 719 33.81 -1.97 27.44
CA LYS A 719 34.53 -3.24 27.57
C LYS A 719 34.36 -3.86 28.96
N GLU A 720 33.15 -3.74 29.51
CA GLU A 720 32.81 -4.29 30.82
C GLU A 720 31.34 -4.71 30.84
N GLU A 721 30.46 -3.73 30.65
CA GLU A 721 29.02 -3.98 30.64
C GLU A 721 28.49 -3.78 29.23
N GLY A 722 29.38 -3.46 28.30
CA GLY A 722 29.00 -3.22 26.92
C GLY A 722 28.61 -4.46 26.13
N SER A 723 27.52 -5.09 26.56
CA SER A 723 27.00 -6.29 25.94
C SER A 723 26.12 -6.96 26.98
N ASN A 724 24.93 -6.41 27.20
CA ASN A 724 24.02 -6.94 28.19
C ASN A 724 22.55 -6.69 27.87
N LEU A 725 22.27 -5.48 27.40
CA LEU A 725 20.90 -5.05 27.07
C LEU A 725 20.25 -5.80 25.92
N THR A 726 20.91 -5.83 24.76
CA THR A 726 20.41 -6.53 23.59
C THR A 726 21.53 -6.88 22.62
N SER A 727 21.13 -7.23 21.39
CA SER A 727 22.06 -7.61 20.33
C SER A 727 22.84 -6.39 19.83
N TYR A 728 22.11 -5.38 19.38
CA TYR A 728 22.71 -4.14 18.85
C TYR A 728 23.83 -3.69 19.78
N GLY A 729 23.65 -3.97 21.07
CA GLY A 729 24.63 -3.59 22.09
C GLY A 729 26.04 -4.10 21.84
N ARG A 730 26.72 -3.46 20.90
CA ARG A 730 28.09 -3.79 20.52
C ARG A 730 28.38 -3.08 19.20
N THR A 731 29.29 -3.64 18.41
CA THR A 731 29.68 -3.08 17.11
C THR A 731 30.15 -1.63 17.13
N ASN A 732 29.98 -0.95 18.26
CA ASN A 732 30.40 0.45 18.37
C ASN A 732 30.06 1.06 19.74
N GLU A 733 31.10 1.58 20.41
CA GLU A 733 30.93 2.20 21.71
C GLU A 733 29.69 3.08 21.70
N ALA A 734 29.52 3.78 20.59
CA ALA A 734 28.40 4.70 20.41
C ALA A 734 27.05 4.02 20.54
N GLU A 735 26.73 3.18 19.55
CA GLU A 735 25.45 2.52 19.50
C GLU A 735 25.04 1.80 20.78
N PHE A 736 26.01 1.45 21.62
CA PHE A 736 25.65 0.81 22.88
C PHE A 736 24.84 1.86 23.63
N PHE A 737 25.22 3.12 23.44
CA PHE A 737 24.57 4.26 24.08
C PHE A 737 23.27 4.63 23.38
N ALA A 738 23.35 4.77 22.06
CA ALA A 738 22.17 5.10 21.29
C ALA A 738 21.07 4.21 21.82
N GLU A 739 21.30 2.91 21.75
CA GLU A 739 20.35 1.92 22.21
C GLU A 739 20.16 1.99 23.72
N ALA A 740 21.21 2.37 24.43
CA ALA A 740 21.11 2.50 25.87
C ALA A 740 20.06 3.56 26.15
N PHE A 741 20.35 4.78 25.72
CA PHE A 741 19.43 5.89 25.91
C PHE A 741 18.11 5.51 25.25
N ARG A 742 18.19 4.99 24.04
CA ARG A 742 16.99 4.58 23.35
C ARG A 742 16.13 3.93 24.39
N LEU A 743 16.71 2.95 25.08
CA LEU A 743 15.99 2.23 26.11
C LEU A 743 15.43 3.11 27.21
N MET A 744 16.27 3.93 27.82
CA MET A 744 15.78 4.82 28.86
C MET A 744 14.78 5.78 28.19
N HIS A 745 13.49 5.42 28.22
CA HIS A 745 12.44 6.22 27.61
C HIS A 745 11.15 5.42 27.52
N SER A 746 11.30 4.14 27.18
CA SER A 746 10.21 3.17 26.99
C SER A 746 8.81 3.67 27.33
N THR A 747 7.84 3.30 26.50
CA THR A 747 6.47 3.69 26.77
C THR A 747 6.15 3.24 28.19
N ASP A 748 6.89 2.23 28.63
CA ASP A 748 6.75 1.64 29.97
C ASP A 748 8.07 1.69 30.75
N HIS A 749 8.01 2.29 31.95
CA HIS A 749 9.18 2.46 32.83
C HIS A 749 10.00 1.19 33.02
N ALA A 750 9.41 0.05 32.66
CA ALA A 750 10.06 -1.24 32.80
C ALA A 750 11.30 -1.38 31.92
N GLU A 751 11.08 -1.55 30.63
CA GLU A 751 12.16 -1.75 29.66
C GLU A 751 13.36 -0.85 29.92
N ARG A 752 13.11 0.30 30.54
CA ARG A 752 14.16 1.26 30.86
C ARG A 752 14.83 0.87 32.17
N LEU A 753 14.02 0.70 33.21
CA LEU A 753 14.52 0.32 34.53
C LEU A 753 15.50 -0.83 34.39
N LYS A 754 15.30 -1.66 33.36
CA LYS A 754 16.18 -2.80 33.11
C LYS A 754 17.61 -2.30 32.95
N VAL A 755 17.76 -1.15 32.33
CA VAL A 755 19.07 -0.56 32.11
C VAL A 755 19.69 -0.16 33.44
N GLN A 756 18.83 0.19 34.39
CA GLN A 756 19.29 0.56 35.73
C GLN A 756 19.80 -0.68 36.44
N LYS A 757 18.95 -1.71 36.50
CA LYS A 757 19.32 -2.97 37.14
C LYS A 757 20.51 -3.59 36.43
N ASN A 758 20.41 -3.71 35.12
CA ASN A 758 21.48 -4.31 34.32
C ASN A 758 22.84 -3.71 34.56
N ALA A 759 23.12 -2.59 33.88
CA ALA A 759 24.43 -1.97 34.00
C ALA A 759 24.46 -0.48 34.32
N PRO A 760 24.20 -0.09 35.58
CA PRO A 760 24.25 1.34 35.90
C PRO A 760 25.64 1.82 35.51
N LYS A 761 26.49 0.85 35.19
CA LYS A 761 27.85 1.10 34.77
C LYS A 761 27.84 1.79 33.41
N THR A 762 26.73 2.45 33.12
CA THR A 762 26.51 3.21 31.90
C THR A 762 25.25 4.01 32.15
N PHE A 763 24.26 3.33 32.73
CA PHE A 763 22.98 3.97 33.03
C PHE A 763 23.17 5.21 33.91
N GLN A 764 24.43 5.51 34.23
CA GLN A 764 24.75 6.69 35.01
C GLN A 764 25.36 7.69 34.06
N PHE A 765 26.29 7.23 33.23
CA PHE A 765 26.96 8.08 32.27
C PHE A 765 25.96 8.79 31.36
N ILE A 766 24.89 8.09 31.02
CA ILE A 766 23.85 8.67 30.19
C ILE A 766 23.27 9.83 31.00
N ASN A 767 22.44 9.50 31.98
CA ASN A 767 21.81 10.50 32.86
C ASN A 767 22.75 11.61 33.29
N ASP A 768 24.05 11.29 33.40
CA ASP A 768 25.06 12.27 33.80
C ASP A 768 25.20 13.30 32.68
N GLN A 769 25.43 12.81 31.46
CA GLN A 769 25.59 13.67 30.31
C GLN A 769 24.28 14.36 29.95
N ILE A 770 23.16 13.68 30.21
CA ILE A 770 21.85 14.27 29.95
C ILE A 770 21.87 15.59 30.71
N LYS A 771 21.74 15.48 32.04
CA LYS A 771 21.76 16.67 32.91
C LYS A 771 23.16 17.25 32.93
N PHE A 772 23.74 17.39 31.75
CA PHE A 772 25.07 17.94 31.58
C PHE A 772 25.00 18.78 30.31
N ILE A 773 24.09 18.38 29.43
CA ILE A 773 23.88 19.08 28.18
C ILE A 773 22.83 20.16 28.42
N ILE A 774 21.82 19.84 29.23
CA ILE A 774 20.72 20.77 29.55
C ILE A 774 21.21 22.16 29.92
N ASN A 775 22.52 22.29 30.11
CA ASN A 775 23.14 23.56 30.46
C ASN A 775 24.51 23.70 29.77
N SER A 776 24.96 24.96 29.63
CA SER A 776 26.24 25.26 29.01
C SER A 776 26.96 26.42 29.69
N MET B 1 7.53 -10.63 -6.98
CA MET B 1 8.97 -10.46 -6.76
C MET B 1 9.40 -9.04 -7.08
N LEU B 2 9.84 -8.30 -6.07
CA LEU B 2 10.33 -6.92 -6.26
C LEU B 2 11.03 -6.48 -5.01
N ALA B 3 12.04 -7.23 -4.69
CA ALA B 3 12.76 -6.88 -3.53
C ALA B 3 14.22 -6.99 -3.82
N ARG B 4 14.98 -6.71 -2.81
CA ARG B 4 16.42 -6.87 -2.83
C ARG B 4 16.89 -6.75 -1.37
N ARG B 5 16.53 -5.67 -0.71
CA ARG B 5 16.64 -5.36 0.75
C ARG B 5 17.85 -5.20 1.67
N LYS B 6 19.11 -5.38 1.33
CA LYS B 6 20.05 -5.22 2.39
C LYS B 6 21.24 -4.37 1.91
N PRO B 7 21.00 -3.12 1.43
CA PRO B 7 22.05 -2.36 0.74
C PRO B 7 23.42 -2.14 1.42
N VAL B 8 23.48 -2.25 2.75
CA VAL B 8 24.75 -2.11 3.47
C VAL B 8 24.67 -1.74 4.96
N LEU B 9 25.85 -1.71 5.59
CA LEU B 9 26.06 -1.39 7.00
C LEU B 9 27.46 -0.78 7.23
N PRO B 10 27.73 -0.33 8.47
CA PRO B 10 28.97 0.30 8.98
C PRO B 10 30.40 -0.22 8.68
N ALA B 11 31.26 -0.03 9.69
CA ALA B 11 32.69 -0.37 9.67
C ALA B 11 33.24 0.38 10.88
N LEU B 12 33.17 1.71 10.78
CA LEU B 12 33.60 2.71 11.76
C LEU B 12 33.93 3.99 10.97
N THR B 13 33.83 3.86 9.63
CA THR B 13 34.05 4.87 8.58
C THR B 13 35.51 4.91 8.12
N ILE B 14 36.38 4.41 8.98
CA ILE B 14 37.77 4.08 8.62
C ILE B 14 38.83 5.12 8.17
N ASN B 15 38.53 6.31 7.67
CA ASN B 15 39.65 7.20 7.26
C ASN B 15 39.62 8.52 8.01
N PRO B 16 40.68 9.35 7.84
CA PRO B 16 40.79 10.67 8.48
C PRO B 16 39.61 11.60 8.20
#